data_3VOV
#
_entry.id   3VOV
#
_cell.length_a   70.926
_cell.length_b   138.144
_cell.length_c   75.156
_cell.angle_alpha   90.00
_cell.angle_beta   95.41
_cell.angle_gamma   90.00
#
_symmetry.space_group_name_H-M   'P 1 21 1'
#
loop_
_entity.id
_entity.type
_entity.pdbx_description
1 polymer Glucokinase
2 non-polymer 'ZINC ION'
3 non-polymer GLYCEROL
4 water water
#
_entity_poly.entity_id   1
_entity_poly.type   'polypeptide(L)'
_entity_poly.pdbx_seq_one_letter_code
;MKVVGLDLGGTKIAAGVFDGKRLLSKVVVPTPKEGGERVAEALAEAAERAEREAGVRGEAIGLGTPGPLDFRRGVIRFAP
NIPGVQDFPIRRILEEATGRPVFLENDANAAALAEHHLGAAQGEESSLYLTVSTGIGGGVVLGGRVLRGERGQGGELGHL
TLLPGGPACGCGLEGCLEALAAGRALERDATYAFQRPVDTRELFRLFQAGDPKAERLVLQAARYVGIGLASLVKAFDPGV
VVLGGGVALNAPEGYWEALLEAYRRYLQGWEAPPLRRARLGAEAGLLGAALTAYLEVKDGSG
;
_entity_poly.pdbx_strand_id   A,B,C,D
#
# COMPACT_ATOMS: atom_id res chain seq x y z
N MET A 1 38.19 22.24 -27.51
CA MET A 1 38.40 22.70 -26.12
C MET A 1 38.65 21.53 -25.16
N LYS A 2 39.43 21.79 -24.11
CA LYS A 2 39.83 20.78 -23.13
C LYS A 2 39.53 21.16 -21.68
N VAL A 3 39.07 20.17 -20.88
CA VAL A 3 38.81 20.42 -19.46
C VAL A 3 39.35 19.26 -18.69
N VAL A 4 39.29 19.37 -17.36
CA VAL A 4 39.64 18.26 -16.50
C VAL A 4 38.39 17.83 -15.72
N GLY A 5 38.09 16.54 -15.76
CA GLY A 5 37.10 15.91 -14.90
C GLY A 5 37.74 15.28 -13.68
N LEU A 6 37.10 15.46 -12.53
CA LEU A 6 37.45 14.77 -11.29
C LEU A 6 36.23 14.01 -10.77
N ASP A 7 36.38 12.75 -10.42
CA ASP A 7 35.31 11.97 -9.74
C ASP A 7 35.80 11.58 -8.34
N LEU A 8 35.26 12.25 -7.32
CA LEU A 8 35.59 11.99 -5.94
C LEU A 8 34.65 10.91 -5.41
N GLY A 9 35.13 9.68 -5.37
CA GLY A 9 34.39 8.59 -4.78
C GLY A 9 34.80 8.37 -3.33
N GLY A 10 34.15 7.40 -2.69
CA GLY A 10 34.38 7.11 -1.28
C GLY A 10 35.65 6.31 -1.07
N THR A 11 36.05 5.57 -2.10
CA THR A 11 37.24 4.74 -2.06
C THR A 11 38.36 5.30 -2.96
N LYS A 12 38.00 5.75 -4.16
CA LYS A 12 39.02 6.29 -5.04
C LYS A 12 38.61 7.58 -5.72
N ILE A 13 39.64 8.34 -6.11
CA ILE A 13 39.52 9.55 -6.93
C ILE A 13 39.98 9.19 -8.34
N ALA A 14 39.22 9.64 -9.35
CA ALA A 14 39.59 9.50 -10.74
C ALA A 14 39.70 10.88 -11.34
N ALA A 15 40.66 11.07 -12.24
CA ALA A 15 40.86 12.34 -12.94
C ALA A 15 41.19 12.03 -14.38
N GLY A 16 40.88 12.98 -15.25
CA GLY A 16 41.21 12.84 -16.63
C GLY A 16 40.94 14.11 -17.39
N VAL A 17 41.77 14.38 -18.41
CA VAL A 17 41.55 15.47 -19.34
C VAL A 17 40.53 14.95 -20.37
N PHE A 18 39.59 15.81 -20.74
CA PHE A 18 38.47 15.46 -21.61
C PHE A 18 38.39 16.50 -22.70
N ASP A 19 38.19 16.06 -23.94
CA ASP A 19 38.22 16.99 -25.05
C ASP A 19 36.84 17.24 -25.69
N GLY A 20 35.78 16.74 -25.06
CA GLY A 20 34.45 16.84 -25.61
C GLY A 20 33.88 15.51 -26.04
N LYS A 21 34.75 14.56 -26.39
CA LYS A 21 34.33 13.22 -26.82
C LYS A 21 34.93 12.10 -25.99
N ARG A 22 36.18 12.28 -25.55
CA ARG A 22 36.99 11.22 -24.97
C ARG A 22 37.89 11.76 -23.89
N LEU A 23 38.24 10.86 -22.98
CA LEU A 23 39.31 11.06 -22.02
C LEU A 23 40.69 10.92 -22.69
N LEU A 24 41.49 11.97 -22.62
CA LEU A 24 42.86 11.91 -23.16
C LEU A 24 43.83 11.36 -22.14
N SER A 25 43.47 11.40 -20.86
CA SER A 25 44.21 10.68 -19.81
C SER A 25 43.21 10.16 -18.77
N LYS A 26 43.69 9.28 -17.89
CA LYS A 26 42.92 8.75 -16.79
C LYS A 26 43.86 8.41 -15.65
N VAL A 27 43.65 9.03 -14.48
CA VAL A 27 44.45 8.81 -13.27
C VAL A 27 43.51 8.35 -12.14
N VAL A 28 43.87 7.27 -11.46
CA VAL A 28 43.11 6.84 -10.31
C VAL A 28 44.07 6.72 -9.12
N VAL A 29 43.66 7.32 -8.02
CA VAL A 29 44.40 7.24 -6.78
C VAL A 29 43.38 6.94 -5.69
N PRO A 30 43.84 6.42 -4.53
CA PRO A 30 42.86 6.21 -3.44
C PRO A 30 42.36 7.54 -2.88
N THR A 31 41.15 7.54 -2.33
CA THR A 31 40.62 8.72 -1.65
C THR A 31 41.17 8.80 -0.21
N PRO A 32 41.82 9.92 0.13
CA PRO A 32 42.31 10.14 1.49
C PRO A 32 41.19 10.03 2.49
N LYS A 33 41.34 9.11 3.45
CA LYS A 33 40.49 9.06 4.63
C LYS A 33 41.01 9.97 5.73
N GLU A 34 41.91 10.90 5.38
CA GLU A 34 42.60 11.74 6.39
C GLU A 34 42.04 13.14 6.59
N GLY A 35 40.99 13.48 5.85
CA GLY A 35 40.32 14.77 6.01
C GLY A 35 40.28 15.68 4.79
N GLY A 36 39.53 16.78 4.92
CA GLY A 36 39.24 17.71 3.85
C GLY A 36 40.44 18.22 3.08
N GLU A 37 41.41 18.81 3.81
CA GLU A 37 42.59 19.45 3.21
C GLU A 37 43.37 18.48 2.33
N ARG A 38 43.44 17.23 2.78
CA ARG A 38 44.16 16.16 2.09
C ARG A 38 43.37 15.64 0.89
N VAL A 39 42.04 15.57 1.04
CA VAL A 39 41.16 15.27 -0.07
C VAL A 39 41.41 16.29 -1.17
N ALA A 40 41.28 17.56 -0.84
CA ALA A 40 41.52 18.64 -1.79
C ALA A 40 42.92 18.56 -2.45
N GLU A 41 43.95 18.25 -1.65
CA GLU A 41 45.32 18.07 -2.19
C GLU A 41 45.40 16.96 -3.20
N ALA A 42 44.76 15.85 -2.89
CA ALA A 42 44.81 14.72 -3.75
C ALA A 42 44.01 15.02 -5.03
N LEU A 43 43.00 15.89 -4.93
CA LEU A 43 42.18 16.22 -6.11
C LEU A 43 43.01 17.09 -7.03
N ALA A 44 43.62 18.14 -6.47
CA ALA A 44 44.51 19.01 -7.22
C ALA A 44 45.68 18.24 -7.86
N GLU A 45 46.31 17.33 -7.11
CA GLU A 45 47.42 16.57 -7.71
C GLU A 45 47.02 15.51 -8.72
N ALA A 46 45.82 14.92 -8.56
CA ALA A 46 45.28 14.05 -9.61
C ALA A 46 45.05 14.84 -10.90
N ALA A 47 44.48 16.03 -10.78
CA ALA A 47 44.25 16.92 -11.94
C ALA A 47 45.56 17.23 -12.67
N GLU A 48 46.55 17.66 -11.88
CA GLU A 48 47.88 17.95 -12.41
C GLU A 48 48.52 16.78 -13.15
N ARG A 49 48.44 15.60 -12.56
CA ARG A 49 48.95 14.41 -13.22
C ARG A 49 48.18 14.07 -14.50
N ALA A 50 46.85 14.13 -14.46
CA ALA A 50 46.02 13.92 -15.65
C ALA A 50 46.44 14.85 -16.82
N GLU A 51 46.65 16.11 -16.49
CA GLU A 51 47.12 17.13 -17.45
C GLU A 51 48.52 16.83 -17.95
N ARG A 52 49.40 16.38 -17.06
CA ARG A 52 50.73 16.02 -17.46
C ARG A 52 50.70 14.84 -18.43
N GLU A 53 49.91 13.82 -18.09
CA GLU A 53 49.81 12.62 -18.94
C GLU A 53 49.16 12.88 -20.28
N ALA A 54 48.22 13.82 -20.35
CA ALA A 54 47.58 14.15 -21.60
C ALA A 54 48.46 15.14 -22.37
N GLY A 55 49.39 15.79 -21.67
CA GLY A 55 50.19 16.89 -22.25
C GLY A 55 49.36 18.10 -22.63
N VAL A 56 48.31 18.35 -21.85
CA VAL A 56 47.26 19.33 -22.18
C VAL A 56 46.79 19.94 -20.87
N ARG A 57 46.69 21.26 -20.81
CA ARG A 57 46.08 21.96 -19.68
C ARG A 57 44.55 22.13 -19.87
N GLY A 58 43.78 21.82 -18.83
CA GLY A 58 42.33 22.08 -18.88
C GLY A 58 42.00 23.55 -18.60
N GLU A 59 40.99 24.09 -19.28
CA GLU A 59 40.58 25.45 -18.98
C GLU A 59 39.52 25.54 -17.86
N ALA A 60 39.04 24.38 -17.41
CA ALA A 60 38.12 24.33 -16.29
C ALA A 60 38.11 22.93 -15.68
N ILE A 61 37.62 22.84 -14.45
CA ILE A 61 37.55 21.57 -13.75
C ILE A 61 36.10 21.22 -13.40
N GLY A 62 35.68 20.01 -13.78
CA GLY A 62 34.42 19.48 -13.31
C GLY A 62 34.66 18.50 -12.20
N LEU A 63 33.97 18.71 -11.08
CA LEU A 63 34.10 17.84 -9.91
C LEU A 63 32.78 17.14 -9.55
N GLY A 64 32.77 15.83 -9.69
CA GLY A 64 31.68 14.95 -9.31
C GLY A 64 31.84 14.48 -7.88
N THR A 65 30.74 14.58 -7.13
CA THR A 65 30.82 14.35 -5.69
C THR A 65 29.76 13.39 -5.20
N PRO A 66 30.12 12.52 -4.25
CA PRO A 66 29.24 11.43 -3.93
C PRO A 66 28.29 11.90 -2.85
N GLY A 67 27.94 13.18 -2.89
CA GLY A 67 27.01 13.74 -1.93
C GLY A 67 26.14 14.82 -2.55
N PRO A 68 25.13 15.30 -1.79
CA PRO A 68 24.31 16.43 -2.25
C PRO A 68 25.07 17.76 -2.07
N LEU A 69 24.97 18.63 -3.06
CA LEU A 69 25.75 19.86 -3.09
C LEU A 69 24.97 21.08 -2.63
N ASP A 70 25.70 22.06 -2.11
CA ASP A 70 25.23 23.44 -2.06
C ASP A 70 26.01 24.19 -3.13
N PHE A 71 25.36 24.49 -4.25
CA PHE A 71 26.01 25.17 -5.37
C PHE A 71 26.27 26.64 -5.08
N ARG A 72 25.72 27.15 -3.98
CA ARG A 72 25.88 28.57 -3.65
C ARG A 72 27.11 28.75 -2.77
N ARG A 73 27.20 28.00 -1.68
CA ARG A 73 28.43 27.97 -0.89
C ARG A 73 29.59 27.41 -1.74
N GLY A 74 29.32 26.30 -2.44
CA GLY A 74 30.34 25.53 -3.17
C GLY A 74 30.88 24.44 -2.26
N VAL A 75 29.99 23.81 -1.52
CA VAL A 75 30.39 22.84 -0.50
C VAL A 75 29.59 21.56 -0.64
N ILE A 76 30.20 20.44 -0.28
CA ILE A 76 29.50 19.17 -0.22
C ILE A 76 28.66 19.18 1.05
N ARG A 77 27.38 18.85 0.92
CA ARG A 77 26.51 18.71 2.08
C ARG A 77 26.67 17.32 2.67
N ASN A 81 31.36 8.30 3.60
CA ASN A 81 32.58 7.55 3.87
C ASN A 81 33.83 8.36 3.53
N ILE A 82 33.71 9.68 3.58
CA ILE A 82 34.88 10.55 3.38
C ILE A 82 34.98 11.58 4.51
N PRO A 83 35.77 11.25 5.56
CA PRO A 83 36.09 12.04 6.76
C PRO A 83 36.19 13.59 6.61
N GLY A 84 35.10 14.27 7.11
CA GLY A 84 35.43 15.80 7.41
C GLY A 84 35.81 16.44 5.82
N VAL A 85 35.62 15.76 4.55
CA VAL A 85 34.68 16.59 3.60
C VAL A 85 33.36 17.35 3.87
N GLN A 86 32.63 17.07 4.93
CA GLN A 86 31.39 17.86 5.15
C GLN A 86 31.61 19.38 5.37
N ASP A 87 30.73 20.20 4.80
CA ASP A 87 30.85 21.66 4.79
C ASP A 87 32.21 22.22 4.34
N PHE A 88 33.09 21.35 3.87
CA PHE A 88 34.37 21.77 3.29
C PHE A 88 34.15 22.61 2.03
N PRO A 89 34.76 23.82 1.99
CA PRO A 89 34.69 24.77 0.86
C PRO A 89 35.52 24.28 -0.32
N ILE A 90 35.13 23.12 -0.85
CA ILE A 90 35.90 22.42 -1.85
C ILE A 90 36.11 23.18 -3.16
N ARG A 91 35.11 23.94 -3.56
CA ARG A 91 35.23 24.71 -4.79
C ARG A 91 36.23 25.84 -4.67
N ARG A 92 36.14 26.60 -3.56
CA ARG A 92 37.04 27.72 -3.36
C ARG A 92 38.48 27.26 -3.24
N ILE A 93 38.69 26.17 -2.52
CA ILE A 93 40.03 25.66 -2.28
C ILE A 93 40.64 25.18 -3.58
N LEU A 94 39.91 24.30 -4.30
CA LEU A 94 40.39 23.82 -5.59
C LEU A 94 40.63 24.93 -6.58
N GLU A 95 39.82 25.97 -6.57
CA GLU A 95 40.06 27.11 -7.46
C GLU A 95 41.33 27.87 -7.06
N GLU A 96 41.68 27.88 -5.77
CA GLU A 96 42.92 28.54 -5.34
C GLU A 96 44.10 27.72 -5.84
N ALA A 97 44.09 26.44 -5.53
CA ALA A 97 45.22 25.56 -5.84
C ALA A 97 45.50 25.47 -7.34
N THR A 98 44.44 25.64 -8.13
CA THR A 98 44.46 25.19 -9.49
C THR A 98 44.44 26.32 -10.50
N GLY A 99 43.95 27.48 -10.07
CA GLY A 99 43.78 28.63 -10.95
C GLY A 99 42.77 28.46 -12.07
N ARG A 100 41.89 27.44 -11.95
CA ARG A 100 40.80 27.25 -12.91
C ARG A 100 39.45 27.31 -12.19
N PRO A 101 38.37 27.70 -12.92
CA PRO A 101 37.02 27.55 -12.37
C PRO A 101 36.69 26.08 -12.09
N VAL A 102 35.97 25.85 -11.01
CA VAL A 102 35.57 24.51 -10.61
C VAL A 102 34.03 24.39 -10.60
N PHE A 103 33.51 23.44 -11.38
CA PHE A 103 32.06 23.21 -11.50
C PHE A 103 31.69 21.92 -10.82
N LEU A 104 30.88 22.02 -9.77
CA LEU A 104 30.50 20.84 -8.99
C LEU A 104 29.28 20.16 -9.60
N GLU A 105 29.21 18.83 -9.49
CA GLU A 105 28.01 18.11 -9.81
C GLU A 105 27.92 16.92 -8.86
N ASN A 106 26.69 16.51 -8.56
CA ASN A 106 26.38 15.28 -7.82
C ASN A 106 26.74 14.10 -8.71
N ASP A 107 27.26 13.03 -8.11
CA ASP A 107 27.75 11.88 -8.89
C ASP A 107 26.71 11.20 -9.78
N ALA A 108 25.49 11.02 -9.26
CA ALA A 108 24.41 10.44 -10.07
C ALA A 108 23.94 11.32 -11.23
N ASN A 109 23.79 12.63 -10.98
CA ASN A 109 23.56 13.59 -12.04
C ASN A 109 24.66 13.57 -13.09
N ALA A 110 25.93 13.52 -12.63
CA ALA A 110 27.07 13.35 -13.57
C ALA A 110 26.97 12.09 -14.45
N ALA A 111 26.69 10.92 -13.85
CA ALA A 111 26.56 9.72 -14.65
C ALA A 111 25.40 9.87 -15.63
N ALA A 112 24.32 10.53 -15.18
CA ALA A 112 23.17 10.76 -16.07
C ALA A 112 23.61 11.60 -17.27
N LEU A 113 24.32 12.68 -16.97
CA LEU A 113 24.85 13.54 -18.02
C LEU A 113 25.76 12.77 -19.02
N ALA A 114 26.63 11.89 -18.49
CA ALA A 114 27.54 11.10 -19.32
C ALA A 114 26.76 10.16 -20.25
N GLU A 115 25.80 9.42 -19.72
CA GLU A 115 25.00 8.50 -20.55
C GLU A 115 24.22 9.28 -21.58
N HIS A 116 23.79 10.47 -21.21
CA HIS A 116 23.01 11.27 -22.16
C HIS A 116 23.82 11.68 -23.41
N HIS A 117 25.07 12.10 -23.18
CA HIS A 117 25.88 12.64 -24.27
C HIS A 117 26.80 11.59 -24.92
N LEU A 118 27.19 10.57 -24.16
CA LEU A 118 28.23 9.63 -24.61
C LEU A 118 27.79 8.19 -24.47
N GLY A 119 26.65 7.95 -23.85
CA GLY A 119 26.27 6.56 -23.54
C GLY A 119 24.90 6.16 -24.07
N ALA A 120 24.12 5.48 -23.21
CA ALA A 120 22.89 4.85 -23.65
C ALA A 120 21.82 5.81 -24.23
N ALA A 121 21.87 7.10 -23.89
CA ALA A 121 20.88 8.06 -24.39
C ALA A 121 21.45 9.01 -25.47
N GLN A 122 22.68 8.76 -25.93
CA GLN A 122 23.27 9.60 -26.97
C GLN A 122 22.25 9.76 -28.11
N GLY A 123 22.01 10.98 -28.52
CA GLY A 123 21.07 11.23 -29.60
C GLY A 123 19.77 11.85 -29.14
N GLU A 124 19.49 11.77 -27.83
CA GLU A 124 18.24 12.30 -27.25
C GLU A 124 18.41 13.73 -26.84
N GLU A 125 17.29 14.43 -26.75
CA GLU A 125 17.29 15.77 -26.20
C GLU A 125 17.10 15.71 -24.70
N SER A 126 16.33 14.75 -24.22
CA SER A 126 16.10 14.61 -22.77
C SER A 126 16.22 13.14 -22.40
N SER A 127 16.60 12.87 -21.16
CA SER A 127 16.69 11.51 -20.73
C SER A 127 16.59 11.47 -19.20
N LEU A 128 16.31 10.30 -18.70
CA LEU A 128 16.23 10.13 -17.27
C LEU A 128 17.08 8.91 -16.93
N TYR A 129 17.88 9.05 -15.89
CA TYR A 129 18.85 8.06 -15.48
C TYR A 129 18.58 7.59 -14.05
N LEU A 130 18.59 6.27 -13.84
CA LEU A 130 18.50 5.75 -12.48
C LEU A 130 19.65 4.80 -12.31
N THR A 131 20.29 4.88 -11.16
CA THR A 131 21.34 3.96 -10.79
C THR A 131 20.97 3.21 -9.51
N VAL A 132 20.92 1.89 -9.64
CA VAL A 132 20.67 1.00 -8.51
C VAL A 132 21.96 0.31 -8.06
N SER A 133 22.50 0.81 -6.97
CA SER A 133 23.70 0.29 -6.38
C SER A 133 23.38 0.01 -4.92
N THR A 134 24.27 0.49 -4.05
CA THR A 134 24.12 0.43 -2.60
C THR A 134 22.84 1.17 -2.20
N GLY A 135 22.69 2.37 -2.75
CA GLY A 135 21.52 3.18 -2.64
C GLY A 135 20.89 3.30 -4.01
N ILE A 136 19.85 4.11 -4.14
CA ILE A 136 19.31 4.39 -5.47
C ILE A 136 19.42 5.87 -5.69
N GLY A 137 20.09 6.23 -6.80
CA GLY A 137 20.17 7.63 -7.18
C GLY A 137 19.69 7.81 -8.60
N GLY A 138 19.70 9.03 -9.08
CA GLY A 138 19.53 9.21 -10.54
C GLY A 138 19.81 10.63 -10.98
N GLY A 139 19.42 10.94 -12.21
CA GLY A 139 19.56 12.29 -12.72
C GLY A 139 18.59 12.46 -13.88
N VAL A 140 18.24 13.71 -14.16
CA VAL A 140 17.38 14.08 -15.25
C VAL A 140 18.16 15.09 -16.10
N VAL A 141 18.21 14.79 -17.41
CA VAL A 141 18.84 15.67 -18.35
C VAL A 141 17.77 16.20 -19.29
N LEU A 142 17.69 17.51 -19.27
CA LEU A 142 16.75 18.20 -20.09
C LEU A 142 17.35 19.30 -20.94
N GLY A 143 16.99 19.36 -22.19
CA GLY A 143 18.00 19.46 -23.25
C GLY A 143 19.51 19.55 -23.20
N GLY A 144 20.17 18.40 -23.28
CA GLY A 144 21.20 17.91 -22.35
C GLY A 144 21.98 18.69 -21.33
N ARG A 145 21.25 19.28 -20.37
CA ARG A 145 21.85 19.80 -19.14
C ARG A 145 21.13 19.16 -17.94
N VAL A 146 21.84 18.98 -16.85
CA VAL A 146 21.27 18.38 -15.65
C VAL A 146 20.23 19.30 -14.99
N LEU A 147 19.09 18.74 -14.60
CA LEU A 147 18.11 19.47 -13.79
C LEU A 147 18.62 19.43 -12.34
N ARG A 148 19.06 20.56 -11.79
CA ARG A 148 19.70 20.58 -10.46
C ARG A 148 18.75 20.95 -9.34
N GLY A 149 17.71 21.69 -9.67
CA GLY A 149 16.73 22.15 -8.69
C GLY A 149 17.10 23.48 -8.08
N GLU A 150 16.13 24.16 -7.47
CA GLU A 150 16.41 25.45 -6.85
C GLU A 150 17.43 25.32 -5.70
N ARG A 151 17.44 24.17 -5.06
CA ARG A 151 18.23 23.92 -3.86
C ARG A 151 19.27 22.81 -4.03
N GLY A 152 19.56 22.40 -5.26
CA GLY A 152 20.39 21.22 -5.50
C GLY A 152 19.77 19.88 -5.14
N GLN A 153 18.47 19.83 -4.86
CA GLN A 153 17.81 18.56 -4.56
C GLN A 153 17.12 17.92 -5.79
N GLY A 154 17.25 18.52 -6.97
CA GLY A 154 16.57 17.95 -8.17
C GLY A 154 17.14 16.60 -8.53
N GLY A 155 16.32 15.73 -9.12
CA GLY A 155 16.82 14.46 -9.53
C GLY A 155 17.10 13.48 -8.40
N GLU A 156 16.44 13.65 -7.24
CA GLU A 156 16.63 12.73 -6.10
C GLU A 156 15.67 11.57 -6.27
N LEU A 157 15.84 10.89 -7.39
CA LEU A 157 14.90 9.91 -7.91
C LEU A 157 14.68 8.70 -6.99
N GLY A 158 15.65 8.36 -6.15
CA GLY A 158 15.50 7.24 -5.23
C GLY A 158 14.57 7.57 -4.08
N HIS A 159 14.16 8.84 -3.94
CA HIS A 159 13.32 9.21 -2.81
C HIS A 159 11.90 9.59 -3.15
N LEU A 160 11.45 9.26 -4.36
CA LEU A 160 10.00 9.32 -4.62
C LEU A 160 9.30 8.23 -3.79
N THR A 161 8.17 8.58 -3.19
CA THR A 161 7.41 7.68 -2.35
C THR A 161 6.59 6.73 -3.24
N LEU A 162 6.89 5.43 -3.17
CA LEU A 162 6.14 4.42 -3.93
C LEU A 162 5.20 3.59 -3.02
N LEU A 163 5.52 3.51 -1.74
CA LEU A 163 4.70 2.67 -0.86
C LEU A 163 4.51 3.41 0.44
N PRO A 164 3.44 4.21 0.55
CA PRO A 164 3.18 4.84 1.84
C PRO A 164 2.99 3.75 2.90
N GLY A 165 3.62 3.91 4.06
CA GLY A 165 3.52 2.89 5.15
C GLY A 165 4.54 1.76 4.93
N GLY A 166 5.46 2.00 4.00
CA GLY A 166 6.52 1.02 3.61
C GLY A 166 7.73 1.12 4.53
N PRO A 167 8.87 0.46 4.16
CA PRO A 167 9.99 0.44 5.10
C PRO A 167 10.72 1.76 5.27
N ALA A 168 11.20 2.02 6.49
CA ALA A 168 11.94 3.24 6.81
C ALA A 168 13.06 3.44 5.83
N CYS A 169 13.21 4.69 5.35
CA CYS A 169 14.30 5.09 4.48
C CYS A 169 15.38 5.85 5.26
N GLY A 170 16.62 5.75 4.80
CA GLY A 170 17.75 6.53 5.32
C GLY A 170 17.48 8.03 5.27
N CYS A 171 16.62 8.48 4.35
CA CYS A 171 16.43 9.94 4.20
C CYS A 171 15.55 10.54 5.29
N GLY A 172 14.78 9.70 5.97
CA GLY A 172 13.90 10.16 7.03
C GLY A 172 12.43 9.86 6.68
N LEU A 173 12.17 9.42 5.46
CA LEU A 173 10.81 9.00 5.08
C LEU A 173 10.63 7.45 5.18
N GLU A 174 9.67 6.91 4.43
CA GLU A 174 9.44 5.46 4.37
C GLU A 174 8.81 5.16 3.01
N GLY A 175 9.09 3.99 2.46
CA GLY A 175 8.45 3.57 1.19
C GLY A 175 9.07 4.28 -0.03
N CYS A 176 10.24 4.91 0.16
CA CYS A 176 11.00 5.49 -0.95
C CYS A 176 11.43 4.35 -1.85
N LEU A 177 11.51 4.62 -3.14
CA LEU A 177 12.15 3.68 -4.09
C LEU A 177 13.48 3.10 -3.54
N GLU A 178 14.37 3.96 -3.04
CA GLU A 178 15.63 3.43 -2.45
C GLU A 178 15.38 2.42 -1.30
N ALA A 179 14.47 2.79 -0.40
CA ALA A 179 14.11 1.93 0.75
C ALA A 179 13.47 0.61 0.34
N LEU A 180 12.92 0.57 -0.87
CA LEU A 180 12.33 -0.68 -1.37
C LEU A 180 13.24 -1.57 -2.21
N ALA A 181 14.16 -0.96 -2.97
CA ALA A 181 14.80 -1.69 -4.06
C ALA A 181 16.34 -1.53 -4.20
N ALA A 182 16.97 -0.66 -3.40
CA ALA A 182 18.44 -0.52 -3.39
C ALA A 182 19.08 -1.85 -2.92
N GLY A 183 20.36 -2.03 -3.28
CA GLY A 183 21.16 -3.18 -2.81
C GLY A 183 21.08 -3.37 -1.31
N ARG A 184 21.22 -2.28 -0.57
CA ARG A 184 21.15 -2.36 0.87
C ARG A 184 19.74 -2.73 1.41
N ALA A 185 18.69 -2.38 0.66
CA ALA A 185 17.32 -2.78 1.01
C ALA A 185 17.14 -4.26 0.77
N LEU A 186 17.70 -4.73 -0.36
CA LEU A 186 17.68 -6.12 -0.70
C LEU A 186 18.35 -6.95 0.40
N GLU A 187 19.52 -6.48 0.87
CA GLU A 187 20.29 -7.16 1.94
C GLU A 187 19.56 -7.07 3.28
N ARG A 188 18.98 -5.91 3.55
CA ARG A 188 18.10 -5.72 4.73
C ARG A 188 17.03 -6.80 4.78
N ASP A 189 16.28 -6.90 3.70
CA ASP A 189 15.11 -7.79 3.67
C ASP A 189 15.51 -9.26 3.61
N ALA A 190 16.54 -9.57 2.84
CA ALA A 190 17.08 -10.92 2.78
C ALA A 190 17.58 -11.38 4.17
N THR A 191 18.37 -10.54 4.82
CA THR A 191 18.96 -10.88 6.10
C THR A 191 17.84 -11.12 7.09
N TYR A 192 16.80 -10.27 7.05
CA TYR A 192 15.66 -10.43 7.92
C TYR A 192 14.90 -11.72 7.63
N ALA A 193 14.55 -11.95 6.36
CA ALA A 193 13.72 -13.09 5.98
C ALA A 193 14.42 -14.47 6.15
N PHE A 194 15.72 -14.52 5.86
CA PHE A 194 16.49 -15.74 5.94
C PHE A 194 17.12 -15.95 7.34
N GLN A 195 17.00 -14.92 8.19
CA GLN A 195 17.47 -14.95 9.58
C GLN A 195 18.96 -15.23 9.73
N ARG A 196 19.75 -14.68 8.81
CA ARG A 196 21.20 -14.80 8.78
C ARG A 196 21.67 -13.70 7.82
N PRO A 197 22.90 -13.18 7.99
CA PRO A 197 23.40 -12.15 7.05
C PRO A 197 23.41 -12.65 5.62
N VAL A 198 22.68 -11.98 4.73
CA VAL A 198 22.62 -12.34 3.30
C VAL A 198 23.02 -11.07 2.52
N ASP A 199 24.11 -11.11 1.75
CA ASP A 199 24.47 -9.91 0.97
C ASP A 199 23.91 -10.07 -0.42
N THR A 200 24.08 -9.08 -1.31
CA THR A 200 23.37 -9.23 -2.61
C THR A 200 23.88 -10.41 -3.40
N ARG A 201 25.18 -10.70 -3.30
CA ARG A 201 25.76 -11.88 -3.95
C ARG A 201 25.05 -13.17 -3.55
N GLU A 202 24.96 -13.42 -2.24
CA GLU A 202 24.24 -14.58 -1.70
C GLU A 202 22.76 -14.58 -2.15
N LEU A 203 22.11 -13.40 -2.09
CA LEU A 203 20.71 -13.30 -2.50
C LEU A 203 20.54 -13.77 -3.94
N PHE A 204 21.44 -13.31 -4.79
CA PHE A 204 21.35 -13.62 -6.20
C PHE A 204 21.66 -15.11 -6.46
N ARG A 205 22.59 -15.65 -5.68
CA ARG A 205 22.91 -17.08 -5.73
C ARG A 205 21.64 -17.89 -5.42
N LEU A 206 21.01 -17.55 -4.30
CA LEU A 206 19.75 -18.16 -3.89
C LEU A 206 18.68 -18.00 -4.96
N PHE A 207 18.55 -16.79 -5.50
CA PHE A 207 17.61 -16.55 -6.60
C PHE A 207 17.84 -17.53 -7.75
N GLN A 208 19.07 -17.59 -8.26
CA GLN A 208 19.40 -18.45 -9.40
C GLN A 208 19.19 -19.94 -9.12
N ALA A 209 19.32 -20.36 -7.87
CA ALA A 209 19.02 -21.76 -7.46
C ALA A 209 17.53 -22.07 -7.26
N GLY A 210 16.69 -21.04 -7.44
CA GLY A 210 15.26 -21.22 -7.39
C GLY A 210 14.67 -21.19 -6.00
N ASP A 211 15.38 -20.59 -5.04
CA ASP A 211 14.85 -20.44 -3.68
C ASP A 211 13.61 -19.54 -3.73
N PRO A 212 12.46 -20.03 -3.24
CA PRO A 212 11.21 -19.29 -3.40
C PRO A 212 11.20 -17.92 -2.67
N LYS A 213 11.82 -17.85 -1.50
CA LYS A 213 11.88 -16.63 -0.70
C LYS A 213 12.70 -15.58 -1.44
N ALA A 214 13.86 -16.01 -1.94
CA ALA A 214 14.76 -15.15 -2.71
C ALA A 214 14.09 -14.65 -3.97
N GLU A 215 13.33 -15.51 -4.65
CA GLU A 215 12.61 -15.09 -5.86
C GLU A 215 11.61 -14.00 -5.52
N ARG A 216 10.83 -14.23 -4.48
CA ARG A 216 9.74 -13.31 -4.12
C ARG A 216 10.29 -11.92 -3.86
N LEU A 217 11.38 -11.88 -3.09
CA LEU A 217 11.99 -10.65 -2.65
C LEU A 217 12.61 -9.88 -3.83
N VAL A 218 13.35 -10.60 -4.69
CA VAL A 218 14.06 -9.98 -5.82
C VAL A 218 13.07 -9.44 -6.87
N LEU A 219 12.07 -10.24 -7.17
CA LEU A 219 11.08 -9.82 -8.15
C LEU A 219 10.28 -8.63 -7.65
N GLN A 220 9.92 -8.65 -6.36
CA GLN A 220 9.24 -7.48 -5.79
C GLN A 220 10.06 -6.20 -5.99
N ALA A 221 11.36 -6.24 -5.69
CA ALA A 221 12.23 -5.08 -5.83
C ALA A 221 12.32 -4.64 -7.30
N ALA A 222 12.41 -5.60 -8.22
CA ALA A 222 12.45 -5.30 -9.67
C ALA A 222 11.21 -4.54 -10.13
N ARG A 223 10.04 -4.99 -9.64
CA ARG A 223 8.78 -4.38 -10.04
C ARG A 223 8.67 -2.94 -9.49
N TYR A 224 9.13 -2.71 -8.24
CA TYR A 224 9.15 -1.35 -7.68
C TYR A 224 10.01 -0.40 -8.55
N VAL A 225 11.13 -0.90 -9.06
CA VAL A 225 11.93 -0.06 -9.96
C VAL A 225 11.15 0.26 -11.23
N GLY A 226 10.56 -0.75 -11.84
CA GLY A 226 9.76 -0.53 -13.07
C GLY A 226 8.63 0.45 -12.78
N ILE A 227 7.89 0.25 -11.67
CA ILE A 227 6.84 1.19 -11.27
C ILE A 227 7.36 2.63 -11.09
N GLY A 228 8.49 2.79 -10.39
CA GLY A 228 9.04 4.12 -10.15
C GLY A 228 9.46 4.81 -11.42
N LEU A 229 10.07 4.05 -12.33
CA LEU A 229 10.46 4.63 -13.64
C LEU A 229 9.26 5.02 -14.48
N ALA A 230 8.20 4.21 -14.45
CA ALA A 230 6.99 4.53 -15.25
C ALA A 230 6.30 5.76 -14.70
N SER A 231 6.32 5.89 -13.39
CA SER A 231 5.76 7.04 -12.71
C SER A 231 6.50 8.35 -13.08
N LEU A 232 7.83 8.27 -13.07
CA LEU A 232 8.71 9.38 -13.48
C LEU A 232 8.52 9.79 -14.94
N VAL A 233 8.10 8.84 -15.79
CA VAL A 233 7.77 9.17 -17.19
C VAL A 233 6.60 10.17 -17.21
N LYS A 234 5.64 10.02 -16.30
CA LYS A 234 4.50 10.98 -16.31
C LYS A 234 4.96 12.34 -15.87
N ALA A 235 6.00 12.39 -15.04
CA ALA A 235 6.49 13.71 -14.58
C ALA A 235 7.30 14.38 -15.69
N PHE A 236 8.22 13.63 -16.28
CA PHE A 236 9.26 14.18 -17.08
C PHE A 236 9.15 13.91 -18.60
N ASP A 237 8.47 12.83 -19.00
CA ASP A 237 8.35 12.40 -20.41
C ASP A 237 9.70 12.49 -21.20
N PRO A 238 10.74 11.74 -20.73
CA PRO A 238 12.09 11.76 -21.27
C PRO A 238 12.12 11.02 -22.60
N GLY A 239 13.04 11.40 -23.47
CA GLY A 239 13.22 10.68 -24.71
C GLY A 239 13.44 9.22 -24.41
N VAL A 240 14.39 8.93 -23.50
CA VAL A 240 14.66 7.56 -23.05
C VAL A 240 14.99 7.51 -21.56
N VAL A 241 14.81 6.33 -21.02
CA VAL A 241 15.09 6.02 -19.62
C VAL A 241 16.30 5.12 -19.65
N VAL A 242 17.33 5.45 -18.88
CA VAL A 242 18.55 4.62 -18.78
C VAL A 242 18.66 4.10 -17.33
N LEU A 243 18.91 2.79 -17.19
CA LEU A 243 19.09 2.17 -15.91
C LEU A 243 20.47 1.63 -15.81
N GLY A 244 21.23 2.13 -14.81
CA GLY A 244 22.55 1.62 -14.49
C GLY A 244 22.72 1.19 -13.05
N GLY A 245 23.98 1.12 -12.61
CA GLY A 245 24.37 0.75 -11.26
C GLY A 245 24.59 -0.72 -11.22
N GLY A 246 25.56 -1.15 -10.43
CA GLY A 246 25.95 -2.56 -10.47
C GLY A 246 24.91 -3.53 -9.97
N VAL A 247 24.04 -3.09 -9.06
CA VAL A 247 23.03 -4.00 -8.51
C VAL A 247 21.99 -4.30 -9.54
N ALA A 248 21.63 -3.31 -10.35
CA ALA A 248 20.67 -3.58 -11.42
C ALA A 248 21.33 -4.31 -12.62
N LEU A 249 22.51 -3.86 -13.02
CA LEU A 249 23.12 -4.43 -14.22
C LEU A 249 23.57 -5.90 -14.06
N ASN A 250 24.03 -6.27 -12.88
CA ASN A 250 24.49 -7.63 -12.60
C ASN A 250 23.44 -8.57 -12.01
N ALA A 251 22.20 -8.10 -11.93
CA ALA A 251 21.13 -8.88 -11.34
C ALA A 251 20.77 -10.04 -12.29
N PRO A 252 20.23 -11.17 -11.76
CA PRO A 252 19.77 -12.27 -12.60
C PRO A 252 18.84 -11.80 -13.70
N GLU A 253 18.74 -12.56 -14.80
CA GLU A 253 17.88 -12.10 -15.93
C GLU A 253 16.39 -11.95 -15.58
N GLY A 254 15.93 -12.78 -14.66
CA GLY A 254 14.55 -12.69 -14.19
C GLY A 254 14.23 -11.31 -13.64
N TYR A 255 15.26 -10.66 -13.06
CA TYR A 255 15.13 -9.31 -12.51
C TYR A 255 14.78 -8.32 -13.61
N TRP A 256 15.61 -8.26 -14.64
CA TRP A 256 15.39 -7.30 -15.73
CA TRP A 256 15.39 -7.34 -15.75
C TRP A 256 14.04 -7.57 -16.40
N GLU A 257 13.69 -8.83 -16.61
CA GLU A 257 12.41 -9.20 -17.19
C GLU A 257 11.24 -8.64 -16.35
N ALA A 258 11.31 -8.84 -15.04
CA ALA A 258 10.21 -8.40 -14.15
C ALA A 258 10.12 -6.88 -14.12
N LEU A 259 11.27 -6.22 -14.18
CA LEU A 259 11.33 -4.76 -14.06
C LEU A 259 10.70 -4.17 -15.31
N LEU A 260 11.11 -4.72 -16.45
CA LEU A 260 10.59 -4.28 -17.76
C LEU A 260 9.11 -4.51 -17.86
N GLU A 261 8.68 -5.67 -17.38
CA GLU A 261 7.27 -5.97 -17.35
C GLU A 261 6.43 -4.98 -16.51
N ALA A 262 6.95 -4.60 -15.34
CA ALA A 262 6.24 -3.67 -14.49
C ALA A 262 6.18 -2.29 -15.12
N TYR A 263 7.32 -1.82 -15.66
CA TYR A 263 7.39 -0.55 -16.38
C TYR A 263 6.33 -0.51 -17.48
N ARG A 264 6.24 -1.60 -18.23
CA ARG A 264 5.24 -1.62 -19.29
C ARG A 264 3.82 -1.63 -18.78
N ARG A 265 3.56 -2.41 -17.73
CA ARG A 265 2.21 -2.37 -17.09
C ARG A 265 1.84 -1.01 -16.55
N TYR A 266 2.82 -0.26 -16.06
CA TYR A 266 2.53 1.07 -15.49
C TYR A 266 2.65 2.20 -16.53
N LEU A 267 2.78 1.77 -17.78
CA LEU A 267 2.58 2.70 -18.92
C LEU A 267 1.41 2.34 -19.89
N GLN A 268 0.55 1.40 -19.50
CA GLN A 268 -0.71 1.15 -20.20
C GLN A 268 -1.51 2.42 -20.26
N GLY A 269 -1.91 2.79 -21.48
CA GLY A 269 -2.60 4.02 -21.75
C GLY A 269 -1.64 5.18 -22.04
N TRP A 270 -0.33 4.91 -22.06
CA TRP A 270 0.68 5.97 -22.23
C TRP A 270 1.62 5.57 -23.33
N GLU A 271 2.39 6.54 -23.86
CA GLU A 271 3.55 6.26 -24.70
C GLU A 271 4.79 5.98 -23.89
N ALA A 272 5.31 4.75 -23.99
CA ALA A 272 6.45 4.28 -23.21
C ALA A 272 7.80 4.68 -23.81
N PRO A 273 8.62 5.47 -23.08
CA PRO A 273 9.97 5.67 -23.62
C PRO A 273 10.79 4.36 -23.64
N PRO A 274 11.76 4.24 -24.57
CA PRO A 274 12.66 3.09 -24.48
C PRO A 274 13.44 3.09 -23.15
N LEU A 275 13.59 1.91 -22.56
CA LEU A 275 14.31 1.75 -21.33
C LEU A 275 15.56 0.98 -21.73
N ARG A 276 16.71 1.62 -21.52
CA ARG A 276 18.02 1.13 -21.94
C ARG A 276 19.00 0.92 -20.79
N ARG A 277 19.79 -0.14 -20.87
CA ARG A 277 20.90 -0.34 -19.96
C ARG A 277 21.95 0.73 -20.15
N ALA A 278 22.44 1.30 -19.03
CA ALA A 278 23.61 2.20 -19.03
C ALA A 278 24.78 1.54 -19.76
N ARG A 279 25.50 2.32 -20.56
CA ARG A 279 26.62 1.77 -21.35
C ARG A 279 27.99 2.12 -20.79
N LEU A 280 28.08 3.14 -19.95
CA LEU A 280 29.39 3.65 -19.64
C LEU A 280 30.10 3.04 -18.43
N GLY A 281 29.40 2.21 -17.67
CA GLY A 281 30.04 1.49 -16.54
C GLY A 281 30.72 2.40 -15.53
N ALA A 282 31.91 2.01 -15.07
CA ALA A 282 32.53 2.75 -13.96
C ALA A 282 33.09 4.14 -14.30
N GLU A 283 33.18 4.45 -15.59
CA GLU A 283 33.77 5.73 -16.03
C GLU A 283 32.71 6.81 -16.14
N ALA A 284 31.44 6.43 -15.99
CA ALA A 284 30.34 7.38 -16.24
C ALA A 284 30.44 8.62 -15.35
N GLY A 285 30.74 8.44 -14.07
CA GLY A 285 30.88 9.62 -13.18
C GLY A 285 32.00 10.55 -13.60
N LEU A 286 33.14 9.98 -14.00
CA LEU A 286 34.30 10.80 -14.43
C LEU A 286 33.95 11.55 -15.72
N LEU A 287 33.33 10.86 -16.66
CA LEU A 287 32.90 11.49 -17.91
C LEU A 287 31.86 12.62 -17.69
N GLY A 288 30.88 12.41 -16.79
CA GLY A 288 29.88 13.41 -16.46
C GLY A 288 30.44 14.60 -15.71
N ALA A 289 31.43 14.38 -14.85
CA ALA A 289 32.09 15.50 -14.19
C ALA A 289 32.83 16.35 -15.25
N ALA A 290 33.46 15.69 -16.21
CA ALA A 290 34.23 16.42 -17.21
C ALA A 290 33.25 17.14 -18.11
N LEU A 291 32.16 16.45 -18.46
CA LEU A 291 31.12 17.09 -19.28
C LEU A 291 30.49 18.29 -18.63
N THR A 292 30.31 18.23 -17.32
CA THR A 292 29.78 19.38 -16.58
C THR A 292 30.60 20.65 -16.83
N ALA A 293 31.93 20.54 -16.66
CA ALA A 293 32.85 21.66 -16.98
C ALA A 293 32.82 22.05 -18.45
N TYR A 294 32.92 21.05 -19.31
CA TYR A 294 32.92 21.26 -20.74
C TYR A 294 31.70 22.09 -21.19
N LEU A 295 30.51 21.68 -20.73
CA LEU A 295 29.27 22.31 -21.18
C LEU A 295 29.09 23.66 -20.55
N GLU A 296 29.54 23.80 -19.31
CA GLU A 296 29.52 25.08 -18.62
C GLU A 296 30.38 26.09 -19.36
N VAL A 297 31.59 25.69 -19.72
CA VAL A 297 32.46 26.56 -20.50
C VAL A 297 31.72 26.92 -21.78
N LYS A 298 31.37 25.90 -22.57
CA LYS A 298 30.67 26.08 -23.84
C LYS A 298 29.49 27.06 -23.77
N ASP A 299 28.62 26.91 -22.76
CA ASP A 299 27.47 27.83 -22.63
C ASP A 299 27.68 29.12 -21.78
N GLY A 300 28.89 29.31 -21.25
CA GLY A 300 29.22 30.53 -20.49
C GLY A 300 30.07 31.54 -21.25
N MET B 1 5.31 44.48 -26.92
CA MET B 1 4.79 43.31 -27.74
C MET B 1 3.43 42.84 -27.22
N LYS B 2 2.48 42.65 -28.13
CA LYS B 2 1.14 42.19 -27.79
C LYS B 2 0.85 40.86 -28.43
N VAL B 3 0.14 40.00 -27.70
CA VAL B 3 -0.42 38.76 -28.28
C VAL B 3 -1.87 38.68 -27.91
N VAL B 4 -2.55 37.63 -28.39
CA VAL B 4 -3.92 37.32 -28.00
C VAL B 4 -3.89 35.96 -27.30
N GLY B 5 -4.53 35.86 -26.12
CA GLY B 5 -4.72 34.57 -25.49
C GLY B 5 -6.12 34.07 -25.78
N LEU B 6 -6.27 32.75 -25.91
CA LEU B 6 -7.58 32.12 -26.03
C LEU B 6 -7.62 30.94 -25.06
N ASP B 7 -8.73 30.75 -24.36
CA ASP B 7 -8.85 29.59 -23.45
C ASP B 7 -10.12 28.86 -23.90
N LEU B 8 -9.98 27.65 -24.45
CA LEU B 8 -11.11 26.96 -25.00
C LEU B 8 -11.64 26.00 -23.94
N GLY B 9 -12.83 26.26 -23.39
CA GLY B 9 -13.46 25.32 -22.44
C GLY B 9 -14.69 24.63 -23.01
N GLY B 10 -15.25 23.70 -22.23
CA GLY B 10 -16.43 22.95 -22.67
C GLY B 10 -17.64 23.84 -22.80
N THR B 11 -17.77 24.85 -21.93
CA THR B 11 -18.91 25.76 -21.86
C THR B 11 -18.64 27.06 -22.62
N LYS B 12 -17.48 27.67 -22.33
CA LYS B 12 -17.11 29.02 -22.79
C LYS B 12 -15.73 29.10 -23.45
N ILE B 13 -15.60 30.03 -24.38
CA ILE B 13 -14.31 30.47 -24.90
C ILE B 13 -14.01 31.84 -24.28
N ALA B 14 -12.80 31.99 -23.72
CA ALA B 14 -12.29 33.28 -23.29
C ALA B 14 -11.18 33.77 -24.22
N ALA B 15 -11.16 35.09 -24.46
CA ALA B 15 -10.15 35.68 -25.29
C ALA B 15 -9.66 37.01 -24.71
N GLY B 16 -8.40 37.36 -24.92
CA GLY B 16 -7.97 38.70 -24.56
C GLY B 16 -6.64 39.02 -25.13
N VAL B 17 -6.44 40.29 -25.49
CA VAL B 17 -5.12 40.83 -25.83
C VAL B 17 -4.33 40.91 -24.53
N PHE B 18 -3.04 40.66 -24.60
CA PHE B 18 -2.23 40.54 -23.41
C PHE B 18 -0.94 41.25 -23.73
N ASP B 19 -0.39 41.98 -22.77
CA ASP B 19 0.81 42.78 -23.05
C ASP B 19 2.10 42.26 -22.42
N GLY B 20 2.04 41.06 -21.86
CA GLY B 20 3.18 40.45 -21.19
C GLY B 20 2.97 40.46 -19.69
N LYS B 21 2.06 41.32 -19.22
CA LYS B 21 1.74 41.40 -17.76
C LYS B 21 0.25 41.45 -17.51
N ARG B 22 -0.50 42.13 -18.37
CA ARG B 22 -1.94 42.37 -18.15
C ARG B 22 -2.74 42.11 -19.36
N LEU B 23 -3.99 41.66 -19.14
CA LEU B 23 -4.97 41.64 -20.22
C LEU B 23 -5.32 43.08 -20.63
N LEU B 24 -5.42 43.36 -21.93
CA LEU B 24 -5.94 44.66 -22.38
C LEU B 24 -7.39 44.59 -22.77
N SER B 25 -7.94 43.37 -22.85
CA SER B 25 -9.33 43.11 -23.12
C SER B 25 -9.71 41.74 -22.60
N LYS B 26 -11.01 41.50 -22.47
CA LYS B 26 -11.53 40.20 -22.06
C LYS B 26 -12.91 39.88 -22.63
N VAL B 27 -12.99 38.82 -23.44
CA VAL B 27 -14.22 38.50 -24.18
C VAL B 27 -14.57 37.12 -23.80
N VAL B 28 -15.84 36.90 -23.50
CA VAL B 28 -16.26 35.53 -23.20
C VAL B 28 -17.50 35.24 -24.04
N VAL B 29 -17.49 34.09 -24.72
CA VAL B 29 -18.54 33.66 -25.63
C VAL B 29 -18.80 32.17 -25.38
N PRO B 30 -20.00 31.69 -25.74
CA PRO B 30 -20.28 30.26 -25.54
C PRO B 30 -19.44 29.38 -26.49
N THR B 31 -19.08 28.17 -26.06
CA THR B 31 -18.38 27.25 -26.97
C THR B 31 -19.41 26.53 -27.86
N PRO B 32 -19.30 26.65 -29.20
CA PRO B 32 -20.30 25.98 -30.07
C PRO B 32 -20.48 24.48 -29.87
N LYS B 33 -21.67 23.98 -30.19
CA LYS B 33 -21.95 22.53 -30.16
C LYS B 33 -21.82 21.91 -31.53
N GLU B 34 -21.69 22.77 -32.53
CA GLU B 34 -21.81 22.37 -33.90
C GLU B 34 -20.53 21.80 -34.51
N GLY B 35 -19.51 21.56 -33.68
CA GLY B 35 -18.33 20.80 -34.16
C GLY B 35 -17.12 21.68 -34.41
N GLY B 36 -16.03 21.04 -34.81
CA GLY B 36 -14.74 21.68 -34.88
C GLY B 36 -14.67 22.92 -35.73
N GLU B 37 -15.31 22.88 -36.88
CA GLU B 37 -15.23 24.00 -37.80
C GLU B 37 -15.87 25.24 -37.19
N ARG B 38 -17.01 25.07 -36.52
CA ARG B 38 -17.65 26.19 -35.89
CA ARG B 38 -17.68 26.19 -35.89
C ARG B 38 -16.89 26.69 -34.65
N VAL B 39 -16.32 25.76 -33.89
CA VAL B 39 -15.46 26.10 -32.76
C VAL B 39 -14.28 26.94 -33.24
N ALA B 40 -13.68 26.52 -34.33
CA ALA B 40 -12.57 27.27 -34.89
C ALA B 40 -13.01 28.69 -35.30
N GLU B 41 -14.19 28.82 -35.93
CA GLU B 41 -14.72 30.17 -36.24
C GLU B 41 -15.00 30.99 -34.97
N ALA B 42 -15.58 30.36 -33.96
CA ALA B 42 -15.82 31.08 -32.71
C ALA B 42 -14.51 31.59 -32.09
N LEU B 43 -13.47 30.76 -32.13
CA LEU B 43 -12.14 31.16 -31.63
C LEU B 43 -11.57 32.36 -32.38
N ALA B 44 -11.62 32.32 -33.71
CA ALA B 44 -11.11 33.42 -34.53
C ALA B 44 -11.89 34.73 -34.27
N GLU B 45 -13.22 34.62 -34.20
CA GLU B 45 -14.08 35.75 -33.95
C GLU B 45 -13.80 36.33 -32.58
N ALA B 46 -13.60 35.46 -31.58
CA ALA B 46 -13.35 35.94 -30.21
C ALA B 46 -12.03 36.65 -30.17
N ALA B 47 -11.04 36.08 -30.88
CA ALA B 47 -9.75 36.77 -31.05
C ALA B 47 -9.93 38.18 -31.62
N GLU B 48 -10.66 38.28 -32.76
CA GLU B 48 -10.86 39.59 -33.44
C GLU B 48 -11.57 40.58 -32.51
N ARG B 49 -12.61 40.11 -31.85
CA ARG B 49 -13.31 40.94 -30.89
C ARG B 49 -12.41 41.48 -29.77
N ALA B 50 -11.56 40.61 -29.20
CA ALA B 50 -10.63 41.03 -28.16
C ALA B 50 -9.68 42.11 -28.69
N GLU B 51 -9.29 41.95 -29.96
CA GLU B 51 -8.39 42.88 -30.58
C GLU B 51 -9.09 44.22 -30.85
N ARG B 52 -10.36 44.18 -31.25
CA ARG B 52 -11.16 45.42 -31.42
C ARG B 52 -11.35 46.12 -30.07
N GLU B 53 -11.64 45.34 -29.04
CA GLU B 53 -11.81 45.92 -27.70
C GLU B 53 -10.54 46.46 -27.06
N ALA B 54 -9.41 45.90 -27.39
CA ALA B 54 -8.16 46.42 -26.88
C ALA B 54 -7.62 47.55 -27.75
N GLY B 55 -8.09 47.62 -29.00
CA GLY B 55 -7.63 48.60 -29.92
C GLY B 55 -6.26 48.25 -30.41
N VAL B 56 -5.86 47.01 -30.18
CA VAL B 56 -4.53 46.58 -30.61
C VAL B 56 -4.68 45.18 -31.14
N ARG B 57 -3.81 44.86 -32.09
CA ARG B 57 -3.70 43.58 -32.73
C ARG B 57 -2.57 42.76 -32.09
N GLY B 58 -2.77 41.46 -31.88
CA GLY B 58 -1.68 40.67 -31.33
C GLY B 58 -0.78 40.17 -32.44
N GLU B 59 0.49 39.95 -32.14
CA GLU B 59 1.33 39.30 -33.15
C GLU B 59 1.41 37.78 -33.16
N ALA B 60 0.74 37.15 -32.19
CA ALA B 60 0.67 35.70 -32.10
C ALA B 60 -0.54 35.37 -31.25
N ILE B 61 -1.02 34.13 -31.38
CA ILE B 61 -2.14 33.73 -30.57
C ILE B 61 -1.70 32.53 -29.71
N GLY B 62 -2.08 32.54 -28.44
CA GLY B 62 -1.86 31.36 -27.60
C GLY B 62 -3.21 30.76 -27.30
N LEU B 63 -3.31 29.45 -27.45
CA LEU B 63 -4.58 28.72 -27.27
C LEU B 63 -4.43 27.57 -26.28
N GLY B 64 -5.20 27.65 -25.21
CA GLY B 64 -5.16 26.71 -24.15
C GLY B 64 -6.39 25.85 -24.26
N THR B 65 -6.19 24.55 -24.08
CA THR B 65 -7.28 23.60 -24.31
C THR B 65 -7.21 22.50 -23.24
N PRO B 66 -8.36 21.95 -22.81
CA PRO B 66 -8.29 20.94 -21.78
C PRO B 66 -7.62 19.68 -22.26
N GLY B 67 -7.86 19.27 -23.50
CA GLY B 67 -7.53 17.90 -23.86
C GLY B 67 -6.11 17.36 -23.73
N PRO B 68 -5.90 16.11 -24.16
CA PRO B 68 -4.55 15.68 -24.50
C PRO B 68 -4.20 16.35 -25.86
N LEU B 69 -3.06 17.02 -25.90
CA LEU B 69 -2.65 17.71 -27.11
C LEU B 69 -1.75 16.81 -27.92
N ASP B 70 -1.88 16.89 -29.22
CA ASP B 70 -0.78 16.48 -30.07
C ASP B 70 -0.06 17.77 -30.48
N PHE B 71 1.04 18.10 -29.79
CA PHE B 71 1.82 19.30 -30.16
C PHE B 71 2.55 19.11 -31.48
N ARG B 72 2.82 17.84 -31.80
CA ARG B 72 3.50 17.48 -33.05
C ARG B 72 2.68 18.00 -34.21
N ARG B 73 1.43 17.53 -34.27
CA ARG B 73 0.53 17.76 -35.40
C ARG B 73 -0.33 19.01 -35.20
N GLY B 74 -0.30 19.57 -33.99
CA GLY B 74 -1.11 20.74 -33.64
C GLY B 74 -2.58 20.39 -33.65
N VAL B 75 -2.94 19.31 -32.99
CA VAL B 75 -4.33 18.90 -32.95
C VAL B 75 -4.75 18.55 -31.56
N ILE B 76 -6.04 18.72 -31.33
CA ILE B 76 -6.63 18.33 -30.09
C ILE B 76 -7.08 16.88 -30.26
N ARG B 77 -6.42 15.99 -29.53
CA ARG B 77 -6.76 14.57 -29.59
C ARG B 77 -8.21 14.34 -29.10
N PRO B 80 -13.29 16.13 -25.18
CA PRO B 80 -13.97 15.78 -23.91
C PRO B 80 -15.45 16.23 -23.91
N ASN B 81 -15.70 17.37 -23.25
CA ASN B 81 -17.00 18.05 -23.19
C ASN B 81 -17.26 18.91 -24.46
N ILE B 82 -16.44 18.73 -25.50
CA ILE B 82 -16.59 19.50 -26.74
C ILE B 82 -16.75 18.60 -27.98
N PRO B 83 -17.97 18.59 -28.58
CA PRO B 83 -18.33 17.74 -29.71
C PRO B 83 -17.46 17.90 -30.98
N GLY B 84 -16.95 16.74 -31.47
CA GLY B 84 -16.11 16.52 -32.79
C GLY B 84 -15.24 18.01 -32.90
N VAL B 85 -14.69 18.59 -31.75
CA VAL B 85 -13.15 18.54 -31.75
C VAL B 85 -12.18 17.33 -31.65
N GLN B 86 -12.60 16.16 -32.14
CA GLN B 86 -11.75 14.96 -32.14
C GLN B 86 -10.67 14.91 -33.23
N ASP B 87 -9.42 14.76 -32.80
CA ASP B 87 -8.26 14.80 -33.71
C ASP B 87 -8.33 16.01 -34.63
N PHE B 88 -8.91 17.09 -34.12
CA PHE B 88 -9.17 18.28 -34.89
C PHE B 88 -7.96 19.21 -35.01
N PRO B 89 -7.53 19.52 -36.27
CA PRO B 89 -6.28 20.29 -36.49
C PRO B 89 -6.43 21.79 -36.30
N ILE B 90 -6.78 22.15 -35.07
CA ILE B 90 -7.01 23.53 -34.69
C ILE B 90 -5.87 24.47 -35.05
N ARG B 91 -4.62 24.04 -34.90
CA ARG B 91 -3.53 25.01 -35.02
C ARG B 91 -3.46 25.65 -36.42
N ARG B 92 -3.42 24.82 -37.46
CA ARG B 92 -3.34 25.34 -38.85
C ARG B 92 -4.59 26.10 -39.23
N ILE B 93 -5.75 25.59 -38.82
CA ILE B 93 -6.98 26.20 -39.16
C ILE B 93 -6.98 27.60 -38.56
N LEU B 94 -6.63 27.71 -37.28
CA LEU B 94 -6.59 29.02 -36.65
C LEU B 94 -5.60 29.94 -37.28
N GLU B 95 -4.41 29.44 -37.63
CA GLU B 95 -3.41 30.24 -38.26
C GLU B 95 -3.95 30.75 -39.60
N GLU B 96 -4.63 29.88 -40.34
CA GLU B 96 -5.12 30.34 -41.65
C GLU B 96 -6.18 31.42 -41.52
N ALA B 97 -7.11 31.25 -40.57
CA ALA B 97 -8.20 32.21 -40.34
C ALA B 97 -7.71 33.60 -39.86
N THR B 98 -6.62 33.59 -39.14
CA THR B 98 -6.23 34.70 -38.35
C THR B 98 -4.98 35.37 -38.94
N GLY B 99 -4.22 34.63 -39.71
CA GLY B 99 -2.99 35.17 -40.30
C GLY B 99 -1.87 35.34 -39.27
N ARG B 100 -2.03 34.74 -38.08
CA ARG B 100 -1.04 34.82 -37.01
C ARG B 100 -0.54 33.41 -36.64
N PRO B 101 0.71 33.28 -36.17
CA PRO B 101 1.13 31.99 -35.61
C PRO B 101 0.33 31.68 -34.34
N VAL B 102 0.00 30.41 -34.16
CA VAL B 102 -0.79 29.93 -33.05
C VAL B 102 0.10 28.95 -32.25
N PHE B 103 0.11 29.11 -30.92
CA PHE B 103 0.85 28.25 -30.01
C PHE B 103 -0.13 27.57 -29.05
N LEU B 104 -0.16 26.23 -29.08
CA LEU B 104 -1.09 25.45 -28.29
C LEU B 104 -0.50 25.11 -26.92
N GLU B 105 -1.34 25.00 -25.92
CA GLU B 105 -0.86 24.57 -24.62
C GLU B 105 -2.00 23.86 -23.90
N ASN B 106 -1.64 22.86 -23.11
CA ASN B 106 -2.59 22.17 -22.25
C ASN B 106 -3.06 23.16 -21.16
N ASP B 107 -4.33 23.09 -20.79
CA ASP B 107 -4.90 24.07 -19.85
C ASP B 107 -4.24 24.11 -18.48
N ALA B 108 -3.85 22.94 -17.94
CA ALA B 108 -3.16 22.87 -16.66
C ALA B 108 -1.73 23.40 -16.74
N ASN B 109 -1.01 23.09 -17.84
CA ASN B 109 0.33 23.70 -18.10
C ASN B 109 0.19 25.23 -18.18
N ALA B 110 -0.82 25.68 -18.92
CA ALA B 110 -1.10 27.11 -19.03
C ALA B 110 -1.39 27.83 -17.66
N ALA B 111 -2.26 27.25 -16.82
CA ALA B 111 -2.46 27.80 -15.49
C ALA B 111 -1.15 27.80 -14.71
N ALA B 112 -0.36 26.75 -14.82
CA ALA B 112 0.93 26.70 -14.12
C ALA B 112 1.88 27.85 -14.56
N LEU B 113 1.99 28.09 -15.88
CA LEU B 113 2.79 29.21 -16.42
C LEU B 113 2.32 30.56 -15.88
N ALA B 114 1.00 30.74 -15.81
CA ALA B 114 0.41 31.94 -15.36
C ALA B 114 0.70 32.15 -13.88
N GLU B 115 0.48 31.14 -13.05
CA GLU B 115 0.81 31.29 -11.62
C GLU B 115 2.29 31.55 -11.40
N HIS B 116 3.11 30.98 -12.27
CA HIS B 116 4.55 31.24 -12.18
C HIS B 116 4.97 32.68 -12.44
N HIS B 117 4.51 33.24 -13.56
CA HIS B 117 4.84 34.59 -13.98
C HIS B 117 4.02 35.69 -13.34
N LEU B 118 2.76 35.45 -13.05
CA LEU B 118 1.81 36.48 -12.60
C LEU B 118 1.15 36.21 -11.24
N GLY B 119 1.32 35.00 -10.67
CA GLY B 119 0.51 34.59 -9.54
C GLY B 119 1.35 34.12 -8.36
N ALA B 120 0.92 33.04 -7.73
CA ALA B 120 1.52 32.60 -6.44
C ALA B 120 3.03 32.36 -6.48
N ALA B 121 3.59 32.08 -7.65
CA ALA B 121 5.01 31.78 -7.74
C ALA B 121 5.82 32.90 -8.43
N GLN B 122 5.21 34.06 -8.60
CA GLN B 122 5.92 35.19 -9.21
C GLN B 122 7.19 35.46 -8.38
N GLY B 123 8.31 35.55 -9.08
CA GLY B 123 9.63 35.77 -8.47
C GLY B 123 10.52 34.54 -8.58
N GLU B 124 9.91 33.35 -8.67
CA GLU B 124 10.66 32.10 -8.79
C GLU B 124 11.24 31.89 -10.18
N GLU B 125 12.30 31.08 -10.24
CA GLU B 125 12.85 30.52 -11.46
C GLU B 125 12.09 29.27 -11.89
N SER B 126 11.72 28.43 -10.93
CA SER B 126 11.02 27.18 -11.23
C SER B 126 9.86 27.06 -10.26
N SER B 127 8.79 26.44 -10.73
CA SER B 127 7.70 26.11 -9.84
C SER B 127 6.97 24.86 -10.32
N LEU B 128 6.10 24.37 -9.45
CA LEU B 128 5.37 23.17 -9.71
C LEU B 128 3.95 23.48 -9.33
N TYR B 129 3.02 23.18 -10.21
CA TYR B 129 1.62 23.53 -10.01
C TYR B 129 0.72 22.30 -10.13
N LEU B 130 -0.22 22.17 -9.20
CA LEU B 130 -1.20 21.07 -9.24
C LEU B 130 -2.57 21.65 -9.15
N THR B 131 -3.47 21.17 -9.98
CA THR B 131 -4.86 21.63 -9.89
C THR B 131 -5.75 20.46 -9.58
N VAL B 132 -6.47 20.58 -8.47
CA VAL B 132 -7.47 19.57 -8.08
C VAL B 132 -8.87 20.10 -8.40
N SER B 133 -9.50 19.48 -9.38
CA SER B 133 -10.84 19.81 -9.79
C SER B 133 -11.56 18.46 -10.00
N THR B 134 -12.32 18.37 -11.08
CA THR B 134 -12.97 17.15 -11.48
C THR B 134 -11.93 16.02 -11.61
N GLY B 135 -10.83 16.35 -12.33
CA GLY B 135 -9.63 15.53 -12.44
C GLY B 135 -8.48 16.17 -11.66
N ILE B 136 -7.30 15.56 -11.67
CA ILE B 136 -6.12 16.24 -11.14
C ILE B 136 -5.16 16.42 -12.28
N GLY B 137 -4.76 17.67 -12.53
CA GLY B 137 -3.69 17.94 -13.45
C GLY B 137 -2.62 18.83 -12.85
N GLY B 138 -1.65 19.19 -13.67
CA GLY B 138 -0.60 20.06 -13.17
C GLY B 138 0.30 20.58 -14.24
N GLY B 139 1.39 21.20 -13.84
CA GLY B 139 2.35 21.71 -14.80
C GLY B 139 3.65 21.97 -14.09
N VAL B 140 4.76 21.80 -14.83
CA VAL B 140 6.08 22.09 -14.33
C VAL B 140 6.70 23.21 -15.16
N VAL B 141 7.17 24.24 -14.46
CA VAL B 141 7.78 25.44 -15.07
C VAL B 141 9.23 25.51 -14.61
N LEU B 142 10.12 25.37 -15.56
CA LEU B 142 11.55 25.50 -15.27
C LEU B 142 12.23 26.53 -16.20
N GLY B 143 13.24 27.30 -15.72
CA GLY B 143 13.15 28.88 -15.66
C GLY B 143 12.12 29.33 -16.71
N GLY B 144 10.84 29.29 -16.32
CA GLY B 144 9.99 30.48 -16.67
C GLY B 144 9.26 29.85 -17.90
N ARG B 145 9.61 28.59 -18.28
CA ARG B 145 8.93 27.87 -19.38
CA ARG B 145 8.94 27.87 -19.38
C ARG B 145 8.37 26.48 -18.99
N VAL B 146 7.22 26.16 -19.55
CA VAL B 146 6.56 24.84 -19.35
C VAL B 146 7.43 23.66 -19.84
N LEU B 147 7.57 22.67 -18.97
CA LEU B 147 8.17 21.39 -19.35
C LEU B 147 7.13 20.60 -20.14
N ARG B 148 7.35 20.41 -21.42
CA ARG B 148 6.37 19.72 -22.25
C ARG B 148 6.63 18.23 -22.44
N GLY B 149 7.91 17.82 -22.33
CA GLY B 149 8.33 16.45 -22.56
C GLY B 149 8.57 16.13 -24.03
N GLU B 150 9.30 15.04 -24.29
CA GLU B 150 9.57 14.57 -25.64
C GLU B 150 8.28 14.38 -26.47
N ARG B 151 7.21 13.93 -25.82
CA ARG B 151 5.97 13.57 -26.52
C ARG B 151 4.77 14.37 -26.05
N GLY B 152 4.98 15.42 -25.27
CA GLY B 152 3.85 16.21 -24.72
C GLY B 152 3.17 15.56 -23.54
N GLN B 153 3.81 14.58 -22.93
CA GLN B 153 3.26 13.96 -21.74
C GLN B 153 3.88 14.53 -20.47
N GLY B 154 4.81 15.46 -20.62
CA GLY B 154 5.46 16.02 -19.45
C GLY B 154 4.47 16.72 -18.54
N GLY B 155 4.72 16.64 -17.23
CA GLY B 155 3.88 17.37 -16.26
C GLY B 155 2.47 16.81 -16.11
N GLU B 156 2.30 15.51 -16.35
CA GLU B 156 1.03 14.84 -16.14
C GLU B 156 1.00 14.40 -14.66
N LEU B 157 0.95 15.39 -13.78
CA LEU B 157 1.23 15.22 -12.35
C LEU B 157 0.15 14.42 -11.66
N GLY B 158 -1.04 14.40 -12.24
CA GLY B 158 -2.13 13.60 -11.70
C GLY B 158 -1.95 12.10 -11.88
N HIS B 159 -0.95 11.66 -12.67
CA HIS B 159 -0.91 10.25 -12.96
C HIS B 159 0.35 9.59 -12.43
N LEU B 160 0.99 10.22 -11.46
CA LEU B 160 2.07 9.52 -10.75
C LEU B 160 1.45 8.48 -9.82
N THR B 161 2.10 7.33 -9.73
CA THR B 161 1.53 6.25 -8.98
C THR B 161 1.85 6.47 -7.47
N LEU B 162 0.85 6.68 -6.64
CA LEU B 162 1.11 6.79 -5.22
C LEU B 162 0.64 5.57 -4.44
N LEU B 163 -0.30 4.81 -5.00
CA LEU B 163 -0.76 3.63 -4.29
C LEU B 163 -0.89 2.42 -5.22
N PRO B 164 0.18 1.63 -5.34
CA PRO B 164 0.09 0.39 -6.14
C PRO B 164 -1.04 -0.49 -5.59
N GLY B 165 -1.89 -0.99 -6.47
CA GLY B 165 -3.03 -1.78 -6.03
C GLY B 165 -4.20 -0.93 -5.55
N GLY B 166 -4.09 0.40 -5.73
CA GLY B 166 -5.18 1.32 -5.49
C GLY B 166 -6.31 1.31 -6.56
N PRO B 167 -7.20 2.28 -6.52
CA PRO B 167 -8.38 2.26 -7.40
C PRO B 167 -8.01 2.62 -8.81
N ALA B 168 -8.71 1.95 -9.73
CA ALA B 168 -8.57 2.10 -11.19
C ALA B 168 -8.62 3.56 -11.58
N CYS B 169 -7.73 3.99 -12.47
CA CYS B 169 -7.72 5.37 -12.93
C CYS B 169 -8.28 5.47 -14.35
N GLY B 170 -8.80 6.63 -14.73
CA GLY B 170 -9.26 6.80 -16.13
C GLY B 170 -8.14 6.67 -17.14
N CYS B 171 -6.88 6.89 -16.73
CA CYS B 171 -5.73 6.77 -17.66
C CYS B 171 -5.37 5.34 -18.09
N GLY B 172 -5.78 4.33 -17.31
CA GLY B 172 -5.50 2.96 -17.63
C GLY B 172 -4.66 2.29 -16.55
N LEU B 173 -4.24 3.09 -15.57
CA LEU B 173 -3.48 2.58 -14.43
C LEU B 173 -4.33 2.46 -13.16
N GLU B 174 -3.67 2.43 -12.01
CA GLU B 174 -4.45 2.38 -10.76
C GLU B 174 -3.62 3.09 -9.69
N GLY B 175 -4.25 3.68 -8.69
CA GLY B 175 -3.50 4.29 -7.61
C GLY B 175 -2.81 5.60 -7.97
N CYS B 176 -3.19 6.19 -9.12
CA CYS B 176 -2.70 7.51 -9.55
C CYS B 176 -3.18 8.53 -8.55
N LEU B 177 -2.45 9.63 -8.40
CA LEU B 177 -2.95 10.70 -7.56
C LEU B 177 -4.39 11.10 -7.97
N GLU B 178 -4.63 11.21 -9.29
CA GLU B 178 -5.97 11.58 -9.74
C GLU B 178 -7.02 10.62 -9.21
N ALA B 179 -6.74 9.35 -9.35
CA ALA B 179 -7.71 8.33 -9.01
C ALA B 179 -7.93 8.24 -7.47
N LEU B 180 -7.04 8.88 -6.71
CA LEU B 180 -7.14 8.86 -5.25
C LEU B 180 -7.83 10.07 -4.68
N ALA B 181 -7.65 11.22 -5.36
CA ALA B 181 -7.90 12.51 -4.71
C ALA B 181 -8.62 13.55 -5.56
N ALA B 182 -8.90 13.24 -6.83
CA ALA B 182 -9.63 14.22 -7.65
C ALA B 182 -11.07 14.36 -7.14
N GLY B 183 -11.71 15.47 -7.53
CA GLY B 183 -13.15 15.65 -7.41
C GLY B 183 -13.96 14.42 -7.70
N ARG B 184 -13.77 13.82 -8.86
CA ARG B 184 -14.55 12.65 -9.22
C ARG B 184 -14.19 11.44 -8.39
N ALA B 185 -12.95 11.38 -7.90
CA ALA B 185 -12.55 10.28 -7.01
C ALA B 185 -13.28 10.40 -5.65
N LEU B 186 -13.34 11.61 -5.11
CA LEU B 186 -14.07 11.83 -3.87
C LEU B 186 -15.54 11.45 -4.01
N GLU B 187 -16.16 11.90 -5.10
CA GLU B 187 -17.56 11.55 -5.38
C GLU B 187 -17.75 10.05 -5.58
N ARG B 188 -16.78 9.40 -6.25
CA ARG B 188 -16.81 7.96 -6.42
C ARG B 188 -16.83 7.25 -5.05
N ASP B 189 -15.91 7.64 -4.19
CA ASP B 189 -15.78 6.91 -2.92
C ASP B 189 -16.92 7.31 -1.96
N ALA B 190 -17.37 8.57 -2.04
CA ALA B 190 -18.45 9.00 -1.14
C ALA B 190 -19.77 8.32 -1.52
N THR B 191 -20.01 8.21 -2.83
CA THR B 191 -21.22 7.56 -3.32
C THR B 191 -21.21 6.06 -2.98
N TYR B 192 -20.06 5.40 -3.11
CA TYR B 192 -19.98 3.98 -2.72
C TYR B 192 -20.22 3.77 -1.22
N ALA B 193 -19.53 4.57 -0.41
CA ALA B 193 -19.54 4.38 1.04
C ALA B 193 -20.85 4.82 1.70
N PHE B 194 -21.43 5.93 1.22
CA PHE B 194 -22.75 6.34 1.69
C PHE B 194 -23.93 5.61 1.06
N GLN B 195 -23.68 4.80 0.02
CA GLN B 195 -24.71 4.04 -0.67
C GLN B 195 -25.83 4.91 -1.29
N ARG B 196 -25.49 6.12 -1.72
CA ARG B 196 -26.40 7.04 -2.42
C ARG B 196 -25.51 8.06 -3.16
N PRO B 197 -26.05 8.75 -4.19
CA PRO B 197 -25.22 9.73 -4.87
C PRO B 197 -24.76 10.88 -3.96
N VAL B 198 -23.44 11.05 -3.86
CA VAL B 198 -22.89 12.14 -3.05
C VAL B 198 -21.92 12.89 -3.90
N ASP B 199 -22.20 14.17 -4.12
CA ASP B 199 -21.27 14.99 -4.87
C ASP B 199 -20.37 15.72 -3.90
N THR B 200 -19.36 16.42 -4.40
CA THR B 200 -18.39 17.09 -3.53
C THR B 200 -19.04 18.15 -2.62
N ARG B 201 -20.05 18.87 -3.13
CA ARG B 201 -20.84 19.75 -2.23
C ARG B 201 -21.44 19.03 -1.03
N GLU B 202 -22.17 17.93 -1.26
CA GLU B 202 -22.79 17.15 -0.20
C GLU B 202 -21.67 16.54 0.69
N LEU B 203 -20.62 16.02 0.06
CA LEU B 203 -19.47 15.47 0.82
C LEU B 203 -18.88 16.52 1.78
N PHE B 204 -18.66 17.74 1.30
CA PHE B 204 -18.05 18.76 2.17
C PHE B 204 -19.02 19.26 3.29
N ARG B 205 -20.33 19.26 3.02
CA ARG B 205 -21.32 19.57 4.06
C ARG B 205 -21.27 18.51 5.15
N LEU B 206 -21.29 17.24 4.76
CA LEU B 206 -21.15 16.12 5.68
C LEU B 206 -19.88 16.22 6.53
N PHE B 207 -18.77 16.59 5.87
CA PHE B 207 -17.50 16.81 6.55
C PHE B 207 -17.62 17.92 7.62
N GLN B 208 -18.11 19.08 7.20
CA GLN B 208 -18.28 20.20 8.11
C GLN B 208 -19.25 19.88 9.27
N ALA B 209 -20.28 19.08 9.01
CA ALA B 209 -21.14 18.54 10.05
C ALA B 209 -20.50 17.47 10.98
N GLY B 210 -19.25 17.07 10.73
CA GLY B 210 -18.60 16.06 11.57
C GLY B 210 -18.97 14.61 11.31
N ASP B 211 -19.45 14.32 10.11
CA ASP B 211 -19.75 12.94 9.78
C ASP B 211 -18.46 12.08 9.71
N PRO B 212 -18.38 11.00 10.52
CA PRO B 212 -17.09 10.31 10.64
C PRO B 212 -16.58 9.78 9.27
N LYS B 213 -17.50 9.24 8.47
CA LYS B 213 -17.17 8.60 7.21
C LYS B 213 -16.68 9.68 6.26
N ALA B 214 -17.32 10.85 6.29
CA ALA B 214 -16.94 11.96 5.42
C ALA B 214 -15.56 12.46 5.75
N GLU B 215 -15.32 12.71 7.04
CA GLU B 215 -14.00 13.07 7.54
C GLU B 215 -12.89 12.10 7.08
N ARG B 216 -13.13 10.80 7.27
CA ARG B 216 -12.17 9.79 6.92
C ARG B 216 -11.71 9.91 5.48
N LEU B 217 -12.70 9.99 4.60
CA LEU B 217 -12.53 9.98 3.15
C LEU B 217 -11.86 11.25 2.67
N VAL B 218 -12.35 12.40 3.17
CA VAL B 218 -11.77 13.70 2.76
C VAL B 218 -10.31 13.86 3.21
N LEU B 219 -10.05 13.53 4.47
CA LEU B 219 -8.70 13.64 5.00
C LEU B 219 -7.70 12.72 4.32
N GLN B 220 -8.13 11.50 3.98
CA GLN B 220 -7.26 10.58 3.26
C GLN B 220 -6.87 11.15 1.89
N ALA B 221 -7.84 11.76 1.20
CA ALA B 221 -7.58 12.39 -0.11
C ALA B 221 -6.66 13.58 0.05
N ALA B 222 -6.91 14.41 1.06
CA ALA B 222 -5.98 15.53 1.38
C ALA B 222 -4.53 15.07 1.62
N ARG B 223 -4.34 14.03 2.42
CA ARG B 223 -2.98 13.52 2.64
C ARG B 223 -2.29 13.00 1.35
N TYR B 224 -3.04 12.33 0.46
CA TYR B 224 -2.43 11.82 -0.79
C TYR B 224 -1.94 12.98 -1.64
N VAL B 225 -2.67 14.09 -1.61
CA VAL B 225 -2.20 15.29 -2.35
C VAL B 225 -0.90 15.77 -1.73
N GLY B 226 -0.84 15.87 -0.39
CA GLY B 226 0.38 16.26 0.30
C GLY B 226 1.54 15.33 -0.01
N ILE B 227 1.27 14.04 0.00
CA ILE B 227 2.31 13.06 -0.28
C ILE B 227 2.78 13.18 -1.72
N GLY B 228 1.84 13.34 -2.65
CA GLY B 228 2.21 13.37 -4.08
C GLY B 228 3.05 14.61 -4.40
N LEU B 229 2.69 15.74 -3.81
CA LEU B 229 3.46 16.99 -3.98
C LEU B 229 4.86 16.88 -3.32
N ALA B 230 4.93 16.29 -2.13
CA ALA B 230 6.26 16.10 -1.49
C ALA B 230 7.16 15.23 -2.35
N SER B 231 6.58 14.19 -2.95
CA SER B 231 7.30 13.24 -3.78
C SER B 231 7.84 13.94 -5.05
N LEU B 232 7.00 14.78 -5.64
CA LEU B 232 7.37 15.62 -6.79
C LEU B 232 8.50 16.61 -6.47
N VAL B 233 8.58 17.06 -5.22
CA VAL B 233 9.70 17.92 -4.81
C VAL B 233 11.04 17.19 -4.94
N LYS B 234 11.03 15.88 -4.71
CA LYS B 234 12.30 15.12 -4.81
C LYS B 234 12.73 15.06 -6.29
N ALA B 235 11.77 15.01 -7.20
CA ALA B 235 12.14 14.90 -8.58
C ALA B 235 12.55 16.29 -9.11
N PHE B 236 11.79 17.34 -8.75
CA PHE B 236 11.97 18.65 -9.38
C PHE B 236 12.67 19.71 -8.55
N ASP B 237 12.54 19.66 -7.21
CA ASP B 237 13.13 20.67 -6.29
C ASP B 237 12.76 22.08 -6.77
N PRO B 238 11.44 22.36 -6.89
CA PRO B 238 10.99 23.63 -7.47
C PRO B 238 11.13 24.76 -6.45
N GLY B 239 11.21 25.99 -6.92
CA GLY B 239 11.26 27.16 -6.02
C GLY B 239 10.08 27.11 -5.04
N VAL B 240 8.89 26.91 -5.60
CA VAL B 240 7.62 26.98 -4.87
C VAL B 240 6.71 25.90 -5.47
N VAL B 241 5.83 25.39 -4.63
CA VAL B 241 4.74 24.53 -5.07
C VAL B 241 3.43 25.32 -5.01
N VAL B 242 2.66 25.30 -6.09
CA VAL B 242 1.38 26.04 -6.12
C VAL B 242 0.24 25.05 -6.25
N LEU B 243 -0.78 25.19 -5.40
CA LEU B 243 -1.96 24.32 -5.46
C LEU B 243 -3.21 25.12 -5.77
N GLY B 244 -3.89 24.73 -6.84
CA GLY B 244 -5.14 25.36 -7.23
C GLY B 244 -6.21 24.35 -7.56
N GLY B 245 -7.17 24.82 -8.34
CA GLY B 245 -8.36 24.08 -8.71
C GLY B 245 -9.51 24.24 -7.73
N GLY B 246 -10.73 24.13 -8.22
CA GLY B 246 -11.90 24.44 -7.39
C GLY B 246 -12.13 23.50 -6.25
N VAL B 247 -11.74 22.24 -6.42
CA VAL B 247 -11.97 21.27 -5.38
C VAL B 247 -11.02 21.52 -4.20
N ALA B 248 -9.74 21.77 -4.47
CA ALA B 248 -8.81 22.03 -3.37
C ALA B 248 -9.08 23.42 -2.73
N LEU B 249 -9.23 24.44 -3.55
CA LEU B 249 -9.37 25.81 -3.00
C LEU B 249 -10.68 26.02 -2.19
N ASN B 250 -11.76 25.36 -2.56
CA ASN B 250 -13.01 25.53 -1.83
C ASN B 250 -13.33 24.44 -0.82
N ALA B 251 -12.36 23.56 -0.57
CA ALA B 251 -12.52 22.50 0.42
C ALA B 251 -12.56 23.04 1.86
N PRO B 252 -13.23 22.33 2.78
CA PRO B 252 -13.14 22.70 4.21
C PRO B 252 -11.73 22.98 4.68
N GLU B 253 -11.58 23.81 5.72
CA GLU B 253 -10.23 24.13 6.23
C GLU B 253 -9.43 22.94 6.80
N GLY B 254 -10.13 21.98 7.39
CA GLY B 254 -9.49 20.72 7.78
C GLY B 254 -8.77 20.03 6.61
N TYR B 255 -9.25 20.26 5.38
CA TYR B 255 -8.66 19.60 4.20
C TYR B 255 -7.27 20.17 3.98
N TRP B 256 -7.19 21.49 3.96
CA TRP B 256 -5.93 22.18 3.73
C TRP B 256 -4.92 21.88 4.83
N GLU B 257 -5.38 21.83 6.09
CA GLU B 257 -4.49 21.51 7.20
C GLU B 257 -3.87 20.11 7.08
N ALA B 258 -4.72 19.12 6.76
CA ALA B 258 -4.29 17.73 6.65
C ALA B 258 -3.35 17.58 5.47
N LEU B 259 -3.61 18.28 4.38
CA LEU B 259 -2.75 18.22 3.22
C LEU B 259 -1.36 18.78 3.53
N LEU B 260 -1.33 19.95 4.12
CA LEU B 260 -0.08 20.59 4.50
C LEU B 260 0.72 19.76 5.49
N GLU B 261 0.03 19.14 6.45
CA GLU B 261 0.72 18.29 7.41
CA GLU B 261 0.65 18.25 7.42
C GLU B 261 1.34 17.06 6.71
N ALA B 262 0.63 16.44 5.75
CA ALA B 262 1.22 15.29 5.01
C ALA B 262 2.45 15.73 4.19
N TYR B 263 2.34 16.90 3.54
CA TYR B 263 3.44 17.47 2.75
C TYR B 263 4.67 17.67 3.66
N ARG B 264 4.45 18.27 4.84
CA ARG B 264 5.57 18.45 5.78
C ARG B 264 6.13 17.12 6.29
N ARG B 265 5.27 16.18 6.66
CA ARG B 265 5.75 14.83 7.05
C ARG B 265 6.55 14.11 5.95
N TYR B 266 6.21 14.34 4.68
CA TYR B 266 6.95 13.68 3.56
C TYR B 266 8.10 14.51 3.03
N LEU B 267 8.47 15.52 3.82
CA LEU B 267 9.65 16.32 3.61
C LEU B 267 10.53 16.41 4.88
N GLN B 268 10.24 15.60 5.91
CA GLN B 268 11.18 15.33 7.02
C GLN B 268 12.48 14.79 6.42
N GLY B 269 13.58 15.48 6.69
CA GLY B 269 14.89 15.11 6.14
C GLY B 269 15.24 15.90 4.89
N TRP B 270 14.35 16.83 4.50
CA TRP B 270 14.45 17.55 3.23
C TRP B 270 14.18 19.04 3.43
N GLU B 271 14.64 19.88 2.50
CA GLU B 271 14.23 21.28 2.48
C GLU B 271 12.88 21.42 1.74
N ALA B 272 11.86 21.88 2.43
CA ALA B 272 10.52 21.95 1.91
C ALA B 272 10.27 23.27 1.16
N PRO B 273 9.95 23.23 -0.15
CA PRO B 273 9.55 24.48 -0.80
C PRO B 273 8.28 24.98 -0.15
N PRO B 274 8.08 26.31 -0.14
CA PRO B 274 6.77 26.83 0.27
C PRO B 274 5.66 26.25 -0.59
N LEU B 275 4.54 25.89 0.06
CA LEU B 275 3.34 25.46 -0.67
C LEU B 275 2.32 26.57 -0.58
N ARG B 276 1.85 27.07 -1.74
CA ARG B 276 1.01 28.29 -1.80
C ARG B 276 -0.28 28.05 -2.56
N ARG B 277 -1.35 28.69 -2.14
CA ARG B 277 -2.63 28.63 -2.86
C ARG B 277 -2.50 29.37 -4.18
N ALA B 278 -2.98 28.78 -5.27
CA ALA B 278 -3.04 29.51 -6.56
C ALA B 278 -3.79 30.84 -6.38
N ARG B 279 -3.29 31.90 -7.01
CA ARG B 279 -3.87 33.24 -6.85
C ARG B 279 -4.79 33.71 -7.97
N LEU B 280 -4.69 33.08 -9.15
CA LEU B 280 -5.29 33.73 -10.33
C LEU B 280 -6.69 33.26 -10.64
N GLY B 281 -7.17 32.24 -9.94
CA GLY B 281 -8.54 31.81 -10.13
C GLY B 281 -8.89 31.44 -11.57
N ALA B 282 -10.05 31.93 -12.01
CA ALA B 282 -10.69 31.49 -13.28
C ALA B 282 -9.96 32.01 -14.54
N GLU B 283 -9.09 32.97 -14.36
CA GLU B 283 -8.41 33.55 -15.50
C GLU B 283 -7.07 32.94 -15.76
N ALA B 284 -6.62 32.06 -14.88
CA ALA B 284 -5.24 31.51 -15.00
C ALA B 284 -5.06 30.89 -16.38
N GLY B 285 -6.06 30.19 -16.88
CA GLY B 285 -5.89 29.49 -18.18
C GLY B 285 -5.71 30.47 -19.35
N LEU B 286 -6.54 31.53 -19.38
CA LEU B 286 -6.44 32.59 -20.39
C LEU B 286 -5.08 33.28 -20.29
N LEU B 287 -4.70 33.68 -19.08
CA LEU B 287 -3.38 34.30 -18.86
C LEU B 287 -2.23 33.39 -19.32
N GLY B 288 -2.30 32.10 -18.98
CA GLY B 288 -1.19 31.19 -19.39
C GLY B 288 -1.20 30.91 -20.89
N ALA B 289 -2.36 30.92 -21.52
CA ALA B 289 -2.43 30.77 -22.99
C ALA B 289 -1.78 32.00 -23.64
N ALA B 290 -2.07 33.16 -23.10
CA ALA B 290 -1.45 34.35 -23.63
C ALA B 290 0.05 34.33 -23.38
N LEU B 291 0.47 33.98 -22.16
CA LEU B 291 1.90 33.92 -21.87
C LEU B 291 2.64 32.91 -22.71
N THR B 292 1.98 31.81 -23.03
CA THR B 292 2.57 30.85 -23.99
C THR B 292 3.01 31.54 -25.26
N ALA B 293 2.09 32.26 -25.90
CA ALA B 293 2.42 32.95 -27.16
C ALA B 293 3.46 34.07 -26.92
N TYR B 294 3.30 34.78 -25.82
CA TYR B 294 4.18 35.95 -25.51
C TYR B 294 5.65 35.50 -25.37
N LEU B 295 5.86 34.47 -24.55
CA LEU B 295 7.19 33.94 -24.33
C LEU B 295 7.73 33.25 -25.59
N GLU B 296 6.89 32.59 -26.39
CA GLU B 296 7.40 32.04 -27.63
C GLU B 296 7.91 33.14 -28.54
N VAL B 297 7.14 34.21 -28.69
CA VAL B 297 7.53 35.30 -29.59
C VAL B 297 8.78 36.03 -29.07
N LYS B 298 8.77 36.32 -27.76
CA LYS B 298 9.94 36.79 -27.05
C LYS B 298 11.20 35.89 -27.22
N ASP B 299 11.04 34.57 -27.04
CA ASP B 299 12.12 33.56 -27.23
C ASP B 299 12.52 33.33 -28.68
N GLY B 300 11.60 33.58 -29.62
CA GLY B 300 11.81 33.28 -31.04
C GLY B 300 12.94 34.07 -31.69
N MET C 1 -36.31 -36.50 12.33
CA MET C 1 -36.47 -35.12 12.87
C MET C 1 -36.56 -34.07 11.75
N LYS C 2 -37.53 -33.17 11.90
CA LYS C 2 -37.93 -32.25 10.86
C LYS C 2 -38.10 -30.83 11.36
N VAL C 3 -37.51 -29.86 10.65
CA VAL C 3 -37.68 -28.44 10.96
C VAL C 3 -38.15 -27.64 9.73
N VAL C 4 -38.50 -26.38 9.96
CA VAL C 4 -38.80 -25.46 8.87
C VAL C 4 -37.65 -24.46 8.76
N GLY C 5 -37.27 -24.14 7.54
CA GLY C 5 -36.29 -23.10 7.31
C GLY C 5 -36.96 -22.00 6.54
N LEU C 6 -36.58 -20.77 6.85
CA LEU C 6 -37.08 -19.61 6.14
C LEU C 6 -35.91 -18.76 5.71
N ASP C 7 -35.95 -18.23 4.50
CA ASP C 7 -34.91 -17.34 4.04
C ASP C 7 -35.48 -15.98 3.63
N LEU C 8 -35.46 -15.07 4.61
CA LEU C 8 -35.96 -13.72 4.44
C LEU C 8 -34.97 -12.92 3.61
N GLY C 9 -35.34 -12.65 2.36
CA GLY C 9 -34.53 -11.84 1.46
C GLY C 9 -35.17 -10.48 1.21
N GLY C 10 -34.44 -9.61 0.49
CA GLY C 10 -34.97 -8.31 0.08
C GLY C 10 -36.16 -8.45 -0.87
N THR C 11 -35.92 -9.09 -2.01
CA THR C 11 -37.00 -9.35 -2.96
C THR C 11 -37.99 -10.39 -2.41
N LYS C 12 -37.53 -11.62 -2.16
CA LYS C 12 -38.45 -12.72 -1.87
C LYS C 12 -38.12 -13.54 -0.61
N ILE C 13 -39.16 -14.18 -0.09
CA ILE C 13 -39.05 -15.12 1.04
C ILE C 13 -39.10 -16.58 0.53
N ALA C 14 -38.14 -17.39 0.96
CA ALA C 14 -38.16 -18.83 0.68
C ALA C 14 -38.45 -19.62 1.95
N ALA C 15 -39.20 -20.70 1.80
CA ALA C 15 -39.56 -21.54 2.93
C ALA C 15 -39.54 -22.98 2.52
N GLY C 16 -39.28 -23.87 3.48
CA GLY C 16 -39.19 -25.28 3.17
C GLY C 16 -39.05 -26.14 4.40
N VAL C 17 -39.72 -27.29 4.38
CA VAL C 17 -39.58 -28.27 5.43
C VAL C 17 -38.32 -29.07 5.15
N PHE C 18 -37.56 -29.33 6.22
CA PHE C 18 -36.24 -29.98 6.11
C PHE C 18 -36.16 -31.09 7.12
N ASP C 19 -35.66 -32.23 6.67
CA ASP C 19 -35.65 -33.46 7.47
C ASP C 19 -34.25 -33.91 7.87
N GLY C 20 -33.27 -33.02 7.69
CA GLY C 20 -31.87 -33.34 8.02
C GLY C 20 -31.10 -33.89 6.83
N LYS C 21 -31.80 -34.15 5.74
CA LYS C 21 -31.16 -34.64 4.55
C LYS C 21 -31.42 -33.72 3.38
N ARG C 22 -32.68 -33.32 3.22
CA ARG C 22 -33.14 -32.62 2.03
CA ARG C 22 -33.07 -32.52 2.07
C ARG C 22 -34.33 -31.72 2.35
N LEU C 23 -34.71 -30.86 1.40
CA LEU C 23 -35.95 -30.15 1.48
C LEU C 23 -37.10 -31.04 0.96
N LEU C 24 -38.18 -31.11 1.75
CA LEU C 24 -39.39 -31.87 1.40
C LEU C 24 -40.42 -30.98 0.75
N SER C 25 -40.24 -29.67 0.86
CA SER C 25 -41.07 -28.69 0.20
C SER C 25 -40.30 -27.38 -0.01
N LYS C 26 -40.78 -26.55 -0.93
CA LYS C 26 -40.15 -25.28 -1.23
C LYS C 26 -41.18 -24.29 -1.76
N VAL C 27 -41.32 -23.19 -1.02
CA VAL C 27 -42.20 -22.10 -1.40
C VAL C 27 -41.37 -20.81 -1.54
N VAL C 28 -41.66 -20.05 -2.59
CA VAL C 28 -41.05 -18.76 -2.80
C VAL C 28 -42.16 -17.71 -2.99
N VAL C 29 -42.34 -16.87 -1.96
CA VAL C 29 -43.34 -15.80 -1.97
C VAL C 29 -42.63 -14.44 -1.99
N PRO C 30 -43.30 -13.39 -2.51
CA PRO C 30 -42.60 -12.10 -2.48
C PRO C 30 -42.62 -11.52 -1.07
N THR C 31 -41.56 -10.80 -0.70
CA THR C 31 -41.49 -10.19 0.63
C THR C 31 -42.35 -8.92 0.65
N PRO C 32 -43.20 -8.77 1.69
CA PRO C 32 -43.91 -7.48 1.86
C PRO C 32 -42.91 -6.31 1.92
N LYS C 33 -42.95 -5.48 0.88
CA LYS C 33 -42.16 -4.25 0.81
C LYS C 33 -42.61 -3.24 1.87
N GLU C 34 -43.89 -3.34 2.25
CA GLU C 34 -44.55 -2.37 3.12
C GLU C 34 -45.00 -3.01 4.44
N GLY C 35 -44.40 -2.56 5.55
CA GLY C 35 -44.73 -3.06 6.88
C GLY C 35 -43.79 -4.16 7.37
N GLY C 36 -43.48 -4.12 8.66
CA GLY C 36 -42.64 -5.12 9.31
C GLY C 36 -43.44 -6.26 9.92
N GLU C 37 -44.65 -5.94 10.41
CA GLU C 37 -45.53 -6.96 11.01
C GLU C 37 -46.19 -7.84 9.94
N ARG C 38 -46.25 -7.33 8.71
CA ARG C 38 -46.79 -8.11 7.59
C ARG C 38 -45.79 -9.17 7.15
N VAL C 39 -44.51 -8.79 7.11
CA VAL C 39 -43.40 -9.72 6.87
C VAL C 39 -43.47 -10.87 7.87
N ALA C 40 -43.66 -10.54 9.15
CA ALA C 40 -43.83 -11.55 10.21
C ALA C 40 -45.02 -12.51 9.98
N GLU C 41 -46.12 -11.98 9.42
CA GLU C 41 -47.28 -12.81 9.03
C GLU C 41 -46.88 -13.74 7.88
N ALA C 42 -46.32 -13.14 6.83
CA ALA C 42 -45.90 -13.84 5.60
C ALA C 42 -44.88 -14.97 5.84
N LEU C 43 -44.12 -14.85 6.93
CA LEU C 43 -43.15 -15.86 7.30
C LEU C 43 -43.84 -17.07 7.92
N ALA C 44 -44.85 -16.82 8.75
CA ALA C 44 -45.63 -17.90 9.33
C ALA C 44 -46.54 -18.54 8.28
N GLU C 45 -47.01 -17.72 7.33
CA GLU C 45 -47.82 -18.18 6.20
C GLU C 45 -47.04 -19.23 5.45
N ALA C 46 -45.89 -18.78 4.91
CA ALA C 46 -44.95 -19.59 4.14
C ALA C 46 -44.48 -20.83 4.87
N ALA C 47 -44.29 -20.72 6.19
CA ALA C 47 -44.01 -21.89 7.02
C ALA C 47 -45.16 -22.91 7.00
N GLU C 48 -46.40 -22.41 7.09
CA GLU C 48 -47.58 -23.28 7.09
C GLU C 48 -47.78 -23.94 5.72
N ARG C 49 -47.77 -23.12 4.67
CA ARG C 49 -47.82 -23.64 3.29
C ARG C 49 -46.76 -24.72 3.07
N ALA C 50 -45.52 -24.44 3.50
CA ALA C 50 -44.40 -25.38 3.37
C ALA C 50 -44.73 -26.68 4.08
N GLU C 51 -45.31 -26.56 5.27
CA GLU C 51 -45.70 -27.74 6.05
C GLU C 51 -46.94 -28.41 5.47
N ARG C 52 -47.71 -27.63 4.71
CA ARG C 52 -48.91 -28.13 4.04
C ARG C 52 -48.46 -28.98 2.85
N GLU C 53 -47.70 -28.36 1.95
CA GLU C 53 -47.10 -29.01 0.80
C GLU C 53 -46.16 -30.18 1.13
N ALA C 54 -45.53 -30.15 2.31
CA ALA C 54 -44.73 -31.29 2.78
C ALA C 54 -45.57 -32.35 3.50
N GLY C 55 -46.71 -31.94 4.04
CA GLY C 55 -47.57 -32.84 4.84
C GLY C 55 -46.98 -33.21 6.20
N VAL C 56 -46.06 -32.39 6.67
CA VAL C 56 -45.36 -32.63 7.94
C VAL C 56 -45.13 -31.32 8.67
N ARG C 57 -45.22 -31.40 10.00
CA ARG C 57 -44.98 -30.27 10.89
C ARG C 57 -43.49 -30.29 11.28
N GLY C 58 -42.90 -29.12 11.49
CA GLY C 58 -41.52 -29.03 12.01
C GLY C 58 -41.47 -28.77 13.51
N GLU C 59 -40.48 -29.36 14.17
CA GLU C 59 -40.27 -29.17 15.62
C GLU C 59 -39.68 -27.79 15.96
N ALA C 60 -38.98 -27.19 15.00
CA ALA C 60 -38.38 -25.87 15.18
C ALA C 60 -38.33 -25.11 13.86
N ILE C 61 -38.23 -23.79 13.93
CA ILE C 61 -38.06 -22.96 12.76
C ILE C 61 -36.69 -22.27 12.80
N GLY C 62 -36.03 -22.23 11.66
CA GLY C 62 -34.78 -21.50 11.50
C GLY C 62 -35.04 -20.38 10.53
N LEU C 63 -34.52 -19.20 10.86
CA LEU C 63 -34.75 -18.02 10.06
C LEU C 63 -33.45 -17.32 9.74
N GLY C 64 -33.13 -17.29 8.45
CA GLY C 64 -31.93 -16.65 7.97
C GLY C 64 -32.31 -15.29 7.44
N THR C 65 -31.43 -14.30 7.65
CA THR C 65 -31.75 -12.93 7.28
C THR C 65 -30.48 -12.09 7.09
N PRO C 66 -30.51 -11.10 6.16
CA PRO C 66 -29.30 -10.40 5.73
C PRO C 66 -28.63 -9.52 6.77
N GLY C 67 -29.43 -8.90 7.64
CA GLY C 67 -28.90 -7.88 8.53
C GLY C 67 -27.98 -8.47 9.58
N PRO C 68 -27.13 -7.62 10.18
CA PRO C 68 -26.50 -8.00 11.46
C PRO C 68 -27.60 -8.17 12.51
N LEU C 69 -27.35 -9.05 13.46
CA LEU C 69 -28.41 -9.57 14.29
C LEU C 69 -28.09 -9.40 15.76
N ASP C 70 -29.14 -9.43 16.57
CA ASP C 70 -29.01 -9.38 18.01
C ASP C 70 -29.59 -10.65 18.60
N PHE C 71 -28.71 -11.60 18.92
CA PHE C 71 -29.12 -12.95 19.34
C PHE C 71 -29.66 -13.08 20.79
N ARG C 72 -29.52 -12.02 21.59
CA ARG C 72 -30.08 -11.98 22.94
C ARG C 72 -31.51 -11.45 22.89
N ARG C 73 -31.69 -10.35 22.16
CA ARG C 73 -33.02 -9.78 21.92
C ARG C 73 -33.89 -10.66 21.01
N GLY C 74 -33.29 -11.16 19.92
CA GLY C 74 -34.03 -11.84 18.86
C GLY C 74 -34.59 -10.84 17.86
N VAL C 75 -33.82 -9.82 17.55
CA VAL C 75 -34.25 -8.77 16.64
C VAL C 75 -33.19 -8.49 15.57
N ILE C 76 -33.55 -7.70 14.57
CA ILE C 76 -32.70 -7.51 13.39
C ILE C 76 -31.80 -6.29 13.48
N GLN C 86 -36.73 -3.85 11.26
CA GLN C 86 -35.54 -3.42 12.01
C GLN C 86 -35.83 -3.07 13.49
N ASP C 87 -35.02 -3.64 14.38
CA ASP C 87 -35.28 -3.67 15.83
C ASP C 87 -36.68 -4.24 16.14
N PHE C 88 -37.10 -5.18 15.30
CA PHE C 88 -38.42 -5.81 15.35
C PHE C 88 -38.35 -7.19 16.02
N PRO C 89 -39.26 -7.45 16.98
CA PRO C 89 -39.24 -8.66 17.83
C PRO C 89 -39.61 -9.92 17.06
N ILE C 90 -38.87 -10.18 16.00
CA ILE C 90 -39.19 -11.20 15.02
C ILE C 90 -39.25 -12.61 15.62
N ARG C 91 -38.25 -12.95 16.45
CA ARG C 91 -38.18 -14.26 17.11
C ARG C 91 -39.40 -14.50 17.99
N ARG C 92 -39.68 -13.54 18.88
CA ARG C 92 -40.79 -13.66 19.81
C ARG C 92 -42.11 -13.72 19.06
N ILE C 93 -42.35 -12.75 18.17
CA ILE C 93 -43.60 -12.73 17.40
C ILE C 93 -43.81 -14.12 16.77
N LEU C 94 -42.79 -14.56 16.02
CA LEU C 94 -42.90 -15.71 15.14
C LEU C 94 -43.05 -16.95 15.97
N GLU C 95 -42.46 -16.94 17.17
CA GLU C 95 -42.67 -18.01 18.14
C GLU C 95 -44.14 -18.05 18.59
N GLU C 96 -44.73 -16.86 18.80
CA GLU C 96 -46.13 -16.73 19.20
C GLU C 96 -47.04 -17.10 18.04
N ALA C 97 -46.76 -16.53 16.87
CA ALA C 97 -47.57 -16.76 15.67
C ALA C 97 -47.57 -18.22 15.17
N THR C 98 -46.56 -19.00 15.56
CA THR C 98 -46.35 -20.32 14.95
C THR C 98 -46.39 -21.49 15.92
N GLY C 99 -46.04 -21.23 17.18
CA GLY C 99 -46.08 -22.25 18.20
C GLY C 99 -44.90 -23.18 18.20
N ARG C 100 -43.75 -22.69 17.72
CA ARG C 100 -42.49 -23.45 17.67
C ARG C 100 -41.28 -22.58 18.05
N PRO C 101 -40.24 -23.20 18.66
CA PRO C 101 -39.05 -22.40 18.93
C PRO C 101 -38.43 -21.91 17.61
N VAL C 102 -38.00 -20.66 17.60
CA VAL C 102 -37.34 -20.07 16.43
C VAL C 102 -35.84 -19.80 16.71
N PHE C 103 -35.01 -20.03 15.69
CA PHE C 103 -33.57 -19.78 15.75
C PHE C 103 -33.10 -18.88 14.58
N LEU C 104 -32.57 -17.72 14.91
CA LEU C 104 -32.10 -16.76 13.92
C LEU C 104 -30.65 -17.04 13.49
N GLU C 105 -30.32 -16.64 12.25
CA GLU C 105 -28.96 -16.68 11.72
C GLU C 105 -28.82 -15.66 10.60
N ASN C 106 -27.64 -15.06 10.50
CA ASN C 106 -27.23 -14.18 9.41
C ASN C 106 -27.19 -15.00 8.09
N ASP C 107 -27.59 -14.38 6.97
CA ASP C 107 -27.68 -15.09 5.69
C ASP C 107 -26.38 -15.72 5.21
N ALA C 108 -25.28 -14.99 5.29
CA ALA C 108 -23.97 -15.53 4.85
C ALA C 108 -23.49 -16.64 5.76
N ASN C 109 -23.72 -16.49 7.08
CA ASN C 109 -23.44 -17.60 8.03
C ASN C 109 -24.23 -18.84 7.69
N ALA C 110 -25.49 -18.63 7.34
CA ALA C 110 -26.39 -19.73 7.04
C ALA C 110 -25.91 -20.43 5.76
N ALA C 111 -25.56 -19.68 4.71
CA ALA C 111 -24.95 -20.28 3.53
C ALA C 111 -23.66 -21.04 3.84
N ALA C 112 -22.82 -20.48 4.72
CA ALA C 112 -21.61 -21.17 5.16
C ALA C 112 -21.92 -22.52 5.83
N LEU C 113 -22.90 -22.52 6.70
CA LEU C 113 -23.31 -23.72 7.40
C LEU C 113 -23.86 -24.75 6.41
N ALA C 114 -24.64 -24.27 5.45
CA ALA C 114 -25.18 -25.13 4.37
C ALA C 114 -24.06 -25.77 3.51
N GLU C 115 -23.09 -24.97 3.07
CA GLU C 115 -21.98 -25.51 2.27
C GLU C 115 -21.18 -26.48 3.11
N HIS C 116 -21.09 -26.23 4.41
CA HIS C 116 -20.35 -27.11 5.30
C HIS C 116 -21.01 -28.49 5.45
N HIS C 117 -22.33 -28.50 5.69
CA HIS C 117 -22.98 -29.78 5.98
C HIS C 117 -23.46 -30.50 4.71
N LEU C 118 -23.83 -29.73 3.69
CA LEU C 118 -24.50 -30.23 2.49
C LEU C 118 -23.75 -29.96 1.17
N GLY C 119 -22.99 -28.85 1.13
CA GLY C 119 -22.32 -28.47 -0.11
C GLY C 119 -20.85 -28.81 -0.22
N ALA C 120 -20.07 -27.83 -0.69
CA ALA C 120 -18.66 -28.05 -1.05
C ALA C 120 -17.78 -28.63 0.05
N ALA C 121 -18.11 -28.34 1.30
CA ALA C 121 -17.24 -28.75 2.41
C ALA C 121 -17.80 -29.96 3.17
N GLN C 122 -18.83 -30.60 2.62
CA GLN C 122 -19.45 -31.74 3.32
C GLN C 122 -18.38 -32.76 3.74
N GLY C 123 -18.35 -33.08 5.02
CA GLY C 123 -17.37 -34.02 5.51
C GLY C 123 -16.26 -33.36 6.34
N GLU C 124 -16.05 -32.04 6.19
CA GLU C 124 -15.00 -31.33 6.99
C GLU C 124 -15.44 -31.14 8.44
N GLU C 125 -14.48 -31.01 9.33
CA GLU C 125 -14.76 -30.55 10.69
C GLU C 125 -14.91 -29.02 10.74
N SER C 126 -14.08 -28.30 9.98
CA SER C 126 -14.21 -26.83 9.92
C SER C 126 -14.12 -26.36 8.49
N SER C 127 -14.77 -25.24 8.20
CA SER C 127 -14.62 -24.63 6.90
C SER C 127 -14.81 -23.11 6.97
N LEU C 128 -14.38 -22.45 5.92
CA LEU C 128 -14.47 -21.01 5.88
C LEU C 128 -15.15 -20.71 4.59
N TYR C 129 -16.17 -19.84 4.63
CA TYR C 129 -16.99 -19.52 3.47
C TYR C 129 -16.94 -18.03 3.16
N LEU C 130 -16.81 -17.69 1.88
CA LEU C 130 -16.82 -16.29 1.49
C LEU C 130 -17.74 -16.20 0.32
N THR C 131 -18.67 -15.25 0.41
CA THR C 131 -19.58 -15.00 -0.70
C THR C 131 -19.32 -13.65 -1.33
N VAL C 132 -19.02 -13.65 -2.62
CA VAL C 132 -18.82 -12.42 -3.32
C VAL C 132 -20.02 -12.15 -4.20
N SER C 133 -20.79 -11.15 -3.80
CA SER C 133 -21.95 -10.76 -4.53
C SER C 133 -21.84 -9.23 -4.67
N THR C 134 -22.95 -8.58 -4.39
CA THR C 134 -23.11 -7.15 -4.35
C THR C 134 -22.17 -6.55 -3.29
N GLY C 135 -22.13 -7.20 -2.11
CA GLY C 135 -21.13 -6.99 -1.08
C GLY C 135 -20.32 -8.27 -0.89
N ILE C 136 -19.45 -8.30 0.13
CA ILE C 136 -18.73 -9.52 0.44
C ILE C 136 -19.02 -9.94 1.89
N GLY C 137 -19.53 -11.16 2.03
CA GLY C 137 -19.92 -11.64 3.35
C GLY C 137 -19.22 -12.97 3.49
N GLY C 138 -19.38 -13.59 4.64
CA GLY C 138 -18.76 -14.87 4.87
C GLY C 138 -19.33 -15.51 6.11
N GLY C 139 -18.76 -16.64 6.47
CA GLY C 139 -19.10 -17.32 7.68
C GLY C 139 -17.97 -18.27 7.99
N VAL C 140 -17.77 -18.52 9.27
CA VAL C 140 -16.76 -19.46 9.72
C VAL C 140 -17.48 -20.61 10.41
N VAL C 141 -17.12 -21.84 10.07
CA VAL C 141 -17.81 -23.01 10.64
C VAL C 141 -16.80 -23.88 11.37
N LEU C 142 -16.92 -24.00 12.69
CA LEU C 142 -16.00 -24.80 13.48
C LEU C 142 -16.64 -25.88 14.41
N GLY C 143 -16.13 -27.14 14.53
CA GLY C 143 -16.80 -28.37 13.93
C GLY C 143 -18.28 -28.11 14.08
N GLY C 144 -18.86 -27.57 13.02
CA GLY C 144 -19.98 -28.19 12.35
C GLY C 144 -20.96 -27.06 12.73
N ARG C 145 -20.48 -26.07 13.51
CA ARG C 145 -21.31 -24.94 14.02
C ARG C 145 -20.78 -23.53 13.65
N VAL C 146 -21.68 -22.58 13.43
CA VAL C 146 -21.32 -21.21 13.05
C VAL C 146 -20.62 -20.46 14.21
N LEU C 147 -19.50 -19.82 13.90
CA LEU C 147 -18.80 -18.98 14.85
C LEU C 147 -19.61 -17.68 14.89
N ARG C 148 -20.34 -17.45 15.97
CA ARG C 148 -21.20 -16.25 16.00
C ARG C 148 -20.52 -14.99 16.54
N GLY C 149 -19.55 -15.17 17.43
CA GLY C 149 -18.84 -14.06 18.04
C GLY C 149 -19.56 -13.62 19.31
N GLU C 150 -18.83 -12.91 20.17
CA GLU C 150 -19.37 -12.38 21.41
C GLU C 150 -20.61 -11.48 21.24
N ARG C 151 -20.64 -10.71 20.18
CA ARG C 151 -21.69 -9.71 19.93
C ARG C 151 -22.50 -10.03 18.67
N GLY C 152 -22.38 -11.27 18.19
CA GLY C 152 -22.92 -11.65 16.89
C GLY C 152 -22.23 -11.06 15.69
N GLN C 153 -21.01 -10.55 15.86
CA GLN C 153 -20.29 -9.87 14.76
C GLN C 153 -19.29 -10.85 14.16
N GLY C 154 -19.26 -12.10 14.61
CA GLY C 154 -18.27 -13.06 14.14
C GLY C 154 -18.39 -13.33 12.64
N GLY C 155 -17.27 -13.62 12.01
CA GLY C 155 -17.28 -13.93 10.59
C GLY C 155 -17.61 -12.80 9.65
N GLU C 156 -17.25 -11.57 9.98
CA GLU C 156 -17.51 -10.47 9.06
C GLU C 156 -16.30 -10.36 8.10
N LEU C 157 -16.17 -11.38 7.24
CA LEU C 157 -14.94 -11.59 6.48
C LEU C 157 -14.70 -10.51 5.42
N GLY C 158 -15.76 -9.92 4.94
CA GLY C 158 -15.68 -8.83 3.95
C GLY C 158 -14.98 -7.56 4.48
N HIS C 159 -14.75 -7.49 5.80
CA HIS C 159 -14.25 -6.28 6.41
C HIS C 159 -12.88 -6.44 7.05
N LEU C 160 -12.18 -7.51 6.68
CA LEU C 160 -10.74 -7.56 6.96
C LEU C 160 -10.02 -6.47 6.16
N THR C 161 -9.07 -5.78 6.78
CA THR C 161 -8.37 -4.65 6.14
C THR C 161 -7.25 -5.22 5.29
N LEU C 162 -7.33 -5.11 3.96
CA LEU C 162 -6.24 -5.62 3.12
C LEU C 162 -5.39 -4.50 2.56
N LEU C 163 -5.98 -3.30 2.44
CA LEU C 163 -5.28 -2.17 1.85
C LEU C 163 -5.44 -0.89 2.70
N PRO C 164 -4.57 -0.70 3.70
CA PRO C 164 -4.64 0.59 4.40
C PRO C 164 -4.42 1.73 3.43
N GLY C 165 -5.24 2.77 3.53
CA GLY C 165 -5.17 3.89 2.61
C GLY C 165 -5.94 3.57 1.34
N GLY C 166 -6.69 2.46 1.36
CA GLY C 166 -7.49 2.03 0.22
C GLY C 166 -8.84 2.73 0.14
N PRO C 167 -9.72 2.29 -0.77
CA PRO C 167 -11.01 2.94 -0.97
C PRO C 167 -11.96 2.80 0.19
N ALA C 168 -12.71 3.88 0.45
CA ALA C 168 -13.67 3.96 1.56
C ALA C 168 -14.64 2.76 1.46
N CYS C 169 -14.99 2.19 2.64
CA CYS C 169 -15.94 1.08 2.73
C CYS C 169 -17.28 1.53 3.25
N GLY C 170 -18.35 0.86 2.86
CA GLY C 170 -19.65 1.09 3.48
C GLY C 170 -19.63 0.96 5.01
N CYS C 171 -18.77 0.11 5.56
CA CYS C 171 -18.74 -0.07 7.04
C CYS C 171 -18.23 1.13 7.86
N GLY C 172 -17.57 2.07 7.21
CA GLY C 172 -16.93 3.17 7.92
C GLY C 172 -15.41 3.11 7.88
N LEU C 173 -14.86 2.01 7.33
CA LEU C 173 -13.39 1.88 7.20
C LEU C 173 -12.92 2.13 5.76
N GLU C 174 -11.74 1.62 5.41
CA GLU C 174 -11.23 1.76 4.06
C GLU C 174 -10.33 0.58 3.74
N GLY C 175 -10.31 0.16 2.48
CA GLY C 175 -9.36 -0.89 2.10
C GLY C 175 -9.81 -2.25 2.63
N CYS C 176 -11.08 -2.37 3.01
CA CYS C 176 -11.68 -3.69 3.40
C CYS C 176 -11.76 -4.55 2.16
N LEU C 177 -11.70 -5.88 2.32
CA LEU C 177 -11.98 -6.78 1.21
C LEU C 177 -13.24 -6.42 0.41
N GLU C 178 -14.35 -6.14 1.11
CA GLU C 178 -15.57 -5.74 0.40
C GLU C 178 -15.38 -4.51 -0.49
N ALA C 179 -14.73 -3.47 0.06
CA ALA C 179 -14.45 -2.21 -0.66
C ALA C 179 -13.52 -2.33 -1.86
N LEU C 180 -12.77 -3.43 -1.90
CA LEU C 180 -11.83 -3.71 -3.01
C LEU C 180 -12.40 -4.63 -4.07
N ALA C 181 -13.27 -5.54 -3.66
CA ALA C 181 -13.55 -6.68 -4.54
C ALA C 181 -15.01 -7.10 -4.69
N ALA C 182 -15.91 -6.49 -3.93
CA ALA C 182 -17.32 -6.83 -4.08
C ALA C 182 -17.85 -6.36 -5.44
N GLY C 183 -19.01 -6.87 -5.82
CA GLY C 183 -19.76 -6.40 -6.97
C GLY C 183 -19.89 -4.88 -7.10
N ARG C 184 -20.34 -4.22 -6.05
CA ARG C 184 -20.50 -2.77 -6.08
C ARG C 184 -19.16 -2.04 -6.17
N ALA C 185 -18.12 -2.67 -5.63
CA ALA C 185 -16.73 -2.13 -5.72
C ALA C 185 -16.22 -2.22 -7.16
N LEU C 186 -16.47 -3.35 -7.83
CA LEU C 186 -16.17 -3.50 -9.24
C LEU C 186 -16.92 -2.44 -10.05
N GLU C 187 -18.21 -2.27 -9.79
CA GLU C 187 -19.02 -1.27 -10.53
C GLU C 187 -18.59 0.17 -10.22
N ARG C 188 -18.24 0.42 -8.98
CA ARG C 188 -17.68 1.71 -8.58
C ARG C 188 -16.42 2.07 -9.41
N ASP C 189 -15.45 1.17 -9.43
CA ASP C 189 -14.20 1.48 -10.09
C ASP C 189 -14.34 1.51 -11.62
N ALA C 190 -15.13 0.57 -12.17
CA ALA C 190 -15.35 0.51 -13.62
C ALA C 190 -16.09 1.77 -14.09
N THR C 191 -17.12 2.19 -13.33
CA THR C 191 -17.89 3.37 -13.68
C THR C 191 -16.97 4.61 -13.64
N TYR C 192 -16.11 4.69 -12.61
CA TYR C 192 -15.10 5.79 -12.56
C TYR C 192 -14.07 5.75 -13.71
N ALA C 193 -13.44 4.61 -13.92
CA ALA C 193 -12.34 4.54 -14.89
C ALA C 193 -12.82 4.64 -16.36
N PHE C 194 -14.02 4.10 -16.65
CA PHE C 194 -14.61 4.18 -18.01
C PHE C 194 -15.41 5.46 -18.23
N GLN C 195 -15.65 6.19 -17.14
CA GLN C 195 -16.31 7.48 -17.18
C GLN C 195 -17.74 7.42 -17.76
N ARG C 196 -18.44 6.32 -17.47
CA ARG C 196 -19.82 6.09 -17.82
C ARG C 196 -20.31 4.96 -16.90
N PRO C 197 -21.63 4.81 -16.71
CA PRO C 197 -22.16 3.77 -15.85
C PRO C 197 -21.74 2.40 -16.35
N VAL C 198 -21.16 1.57 -15.49
CA VAL C 198 -20.73 0.25 -15.91
C VAL C 198 -21.08 -0.72 -14.81
N ASP C 199 -22.03 -1.63 -15.09
CA ASP C 199 -22.37 -2.65 -14.11
C ASP C 199 -21.50 -3.86 -14.28
N THR C 200 -21.65 -4.85 -13.41
CA THR C 200 -20.77 -6.02 -13.49
C THR C 200 -20.92 -6.74 -14.83
N ARG C 201 -22.12 -6.79 -15.38
CA ARG C 201 -22.36 -7.45 -16.70
C ARG C 201 -21.52 -6.80 -17.80
N GLU C 202 -21.62 -5.49 -17.91
CA GLU C 202 -20.86 -4.75 -18.89
C GLU C 202 -19.36 -4.94 -18.61
N LEU C 203 -18.98 -4.85 -17.33
CA LEU C 203 -17.56 -5.02 -16.96
C LEU C 203 -17.05 -6.37 -17.42
N PHE C 204 -17.79 -7.43 -17.13
CA PHE C 204 -17.39 -8.78 -17.53
C PHE C 204 -17.42 -8.98 -19.05
N ARG C 205 -18.36 -8.32 -19.73
CA ARG C 205 -18.33 -8.25 -21.20
C ARG C 205 -17.03 -7.59 -21.75
N LEU C 206 -16.65 -6.44 -21.18
CA LEU C 206 -15.38 -5.78 -21.54
C LEU C 206 -14.19 -6.66 -21.28
N PHE C 207 -14.22 -7.39 -20.16
CA PHE C 207 -13.14 -8.30 -19.79
C PHE C 207 -12.97 -9.37 -20.88
N GLN C 208 -14.08 -10.06 -21.18
CA GLN C 208 -14.06 -11.12 -22.20
C GLN C 208 -13.68 -10.60 -23.58
N ALA C 209 -14.03 -9.35 -23.86
CA ALA C 209 -13.64 -8.68 -25.11
C ALA C 209 -12.18 -8.26 -25.11
N GLY C 210 -11.47 -8.42 -23.99
CA GLY C 210 -10.05 -8.09 -23.94
C GLY C 210 -9.76 -6.62 -23.71
N ASP C 211 -10.73 -5.87 -23.21
CA ASP C 211 -10.42 -4.50 -22.85
C ASP C 211 -9.32 -4.45 -21.72
N PRO C 212 -8.20 -3.74 -21.95
CA PRO C 212 -7.09 -3.73 -20.98
C PRO C 212 -7.47 -3.17 -19.62
N LYS C 213 -8.24 -2.07 -19.63
CA LYS C 213 -8.67 -1.44 -18.42
C LYS C 213 -9.54 -2.38 -17.58
N ALA C 214 -10.45 -3.10 -18.25
CA ALA C 214 -11.33 -4.05 -17.57
C ALA C 214 -10.53 -5.21 -17.05
N GLU C 215 -9.57 -5.72 -17.83
CA GLU C 215 -8.70 -6.83 -17.32
C GLU C 215 -7.94 -6.41 -16.09
N ARG C 216 -7.36 -5.19 -16.10
CA ARG C 216 -6.56 -4.71 -14.96
C ARG C 216 -7.39 -4.70 -13.69
N LEU C 217 -8.61 -4.18 -13.81
CA LEU C 217 -9.48 -3.93 -12.69
C LEU C 217 -10.04 -5.25 -12.11
N VAL C 218 -10.45 -6.15 -13.00
CA VAL C 218 -11.01 -7.45 -12.58
C VAL C 218 -9.96 -8.36 -11.92
N LEU C 219 -8.77 -8.44 -12.52
CA LEU C 219 -7.71 -9.27 -11.97
C LEU C 219 -7.21 -8.75 -10.58
N GLN C 220 -7.18 -7.42 -10.42
CA GLN C 220 -6.83 -6.86 -9.13
C GLN C 220 -7.80 -7.30 -8.05
N ALA C 221 -9.09 -7.24 -8.32
CA ALA C 221 -10.11 -7.61 -7.34
C ALA C 221 -10.02 -9.11 -7.05
N ALA C 222 -9.84 -9.90 -8.12
CA ALA C 222 -9.60 -11.36 -7.96
C ALA C 222 -8.42 -11.62 -7.04
N ARG C 223 -7.28 -10.97 -7.29
CA ARG C 223 -6.12 -11.23 -6.44
C ARG C 223 -6.41 -10.83 -4.98
N TYR C 224 -7.14 -9.76 -4.76
CA TYR C 224 -7.39 -9.34 -3.36
C TYR C 224 -8.22 -10.40 -2.62
N VAL C 225 -9.19 -11.01 -3.30
CA VAL C 225 -9.95 -12.11 -2.69
C VAL C 225 -9.00 -13.27 -2.30
N GLY C 226 -8.07 -13.59 -3.19
CA GLY C 226 -7.11 -14.68 -2.93
C GLY C 226 -6.25 -14.33 -1.73
N ILE C 227 -5.80 -13.06 -1.63
CA ILE C 227 -4.94 -12.67 -0.52
C ILE C 227 -5.72 -12.69 0.79
N GLY C 228 -6.96 -12.20 0.74
CA GLY C 228 -7.81 -12.19 1.96
C GLY C 228 -8.12 -13.58 2.46
N LEU C 229 -8.43 -14.49 1.53
CA LEU C 229 -8.68 -15.88 1.94
C LEU C 229 -7.41 -16.50 2.50
N ALA C 230 -6.27 -16.24 1.85
CA ALA C 230 -5.01 -16.85 2.31
C ALA C 230 -4.65 -16.32 3.70
N SER C 231 -4.93 -15.05 3.93
CA SER C 231 -4.70 -14.43 5.22
C SER C 231 -5.62 -15.02 6.35
N LEU C 232 -6.89 -15.22 6.04
CA LEU C 232 -7.82 -15.86 6.99
C LEU C 232 -7.41 -17.28 7.37
N VAL C 233 -6.74 -17.94 6.45
CA VAL C 233 -6.19 -19.28 6.71
C VAL C 233 -5.21 -19.26 7.88
N LYS C 234 -4.43 -18.18 7.98
CA LYS C 234 -3.51 -18.04 9.14
C LYS C 234 -4.23 -17.88 10.47
N ALA C 235 -5.39 -17.26 10.47
CA ALA C 235 -6.12 -17.12 11.71
C ALA C 235 -6.85 -18.42 12.08
N PHE C 236 -7.54 -19.01 11.10
CA PHE C 236 -8.48 -20.10 11.35
C PHE C 236 -7.93 -21.51 11.02
N ASP C 237 -7.02 -21.62 10.04
CA ASP C 237 -6.54 -22.92 9.56
C ASP C 237 -7.75 -23.85 9.30
N PRO C 238 -8.69 -23.46 8.41
CA PRO C 238 -9.88 -24.33 8.27
C PRO C 238 -9.56 -25.59 7.44
N GLY C 239 -10.42 -26.60 7.53
CA GLY C 239 -10.25 -27.80 6.69
C GLY C 239 -10.31 -27.41 5.22
N VAL C 240 -11.31 -26.61 4.84
CA VAL C 240 -11.40 -26.12 3.47
C VAL C 240 -11.95 -24.69 3.40
N VAL C 241 -11.68 -24.03 2.29
CA VAL C 241 -12.19 -22.70 2.06
C VAL C 241 -13.12 -22.83 0.90
N VAL C 242 -14.30 -22.24 1.04
CA VAL C 242 -15.35 -22.32 0.04
C VAL C 242 -15.67 -20.92 -0.44
N LEU C 243 -15.65 -20.72 -1.77
CA LEU C 243 -15.96 -19.40 -2.36
C LEU C 243 -17.25 -19.49 -3.14
N GLY C 244 -18.26 -18.70 -2.78
CA GLY C 244 -19.45 -18.58 -3.61
C GLY C 244 -19.89 -17.16 -3.91
N GLY C 245 -21.19 -17.00 -4.19
CA GLY C 245 -21.78 -15.72 -4.67
C GLY C 245 -21.71 -15.60 -6.19
N GLY C 246 -22.74 -15.01 -6.79
CA GLY C 246 -22.85 -14.88 -8.25
C GLY C 246 -21.73 -14.08 -8.89
N VAL C 247 -21.12 -13.16 -8.14
CA VAL C 247 -20.04 -12.36 -8.73
C VAL C 247 -18.77 -13.18 -8.87
N ALA C 248 -18.47 -14.00 -7.87
CA ALA C 248 -17.33 -14.91 -7.94
C ALA C 248 -17.63 -16.08 -8.90
N LEU C 249 -18.80 -16.69 -8.71
CA LEU C 249 -19.18 -17.87 -9.46
C LEU C 249 -19.38 -17.62 -10.96
N ASN C 250 -19.94 -16.46 -11.30
CA ASN C 250 -20.26 -16.15 -12.68
C ASN C 250 -19.26 -15.30 -13.38
N ALA C 251 -18.13 -15.05 -12.73
CA ALA C 251 -17.04 -14.23 -13.31
C ALA C 251 -16.33 -14.98 -14.45
N PRO C 252 -15.70 -14.24 -15.37
CA PRO C 252 -14.87 -14.87 -16.42
C PRO C 252 -13.80 -15.79 -15.85
N GLU C 253 -13.28 -16.70 -16.66
CA GLU C 253 -12.40 -17.77 -16.12
C GLU C 253 -11.03 -17.28 -15.61
N GLY C 254 -10.53 -16.23 -16.27
CA GLY C 254 -9.31 -15.54 -15.84
C GLY C 254 -9.44 -14.99 -14.42
N TYR C 255 -10.66 -14.70 -13.99
CA TYR C 255 -10.91 -14.22 -12.63
C TYR C 255 -10.53 -15.33 -11.65
N TRP C 256 -11.12 -16.51 -11.84
CA TRP C 256 -10.85 -17.62 -10.94
C TRP C 256 -9.38 -18.05 -10.91
N GLU C 257 -8.74 -18.07 -12.07
CA GLU C 257 -7.32 -18.40 -12.12
C GLU C 257 -6.45 -17.39 -11.35
N ALA C 258 -6.75 -16.10 -11.48
CA ALA C 258 -5.97 -15.04 -10.83
C ALA C 258 -6.13 -15.16 -9.32
N LEU C 259 -7.35 -15.46 -8.90
CA LEU C 259 -7.70 -15.60 -7.47
C LEU C 259 -6.92 -16.76 -6.83
N LEU C 260 -7.04 -17.93 -7.43
CA LEU C 260 -6.29 -19.11 -7.00
C LEU C 260 -4.81 -18.89 -6.98
N GLU C 261 -4.30 -18.24 -8.01
CA GLU C 261 -2.88 -17.96 -8.08
C GLU C 261 -2.46 -17.07 -6.88
N ALA C 262 -3.27 -16.06 -6.56
CA ALA C 262 -2.95 -15.16 -5.44
C ALA C 262 -3.08 -15.93 -4.13
N TYR C 263 -4.13 -16.73 -3.99
CA TYR C 263 -4.33 -17.55 -2.79
C TYR C 263 -3.09 -18.44 -2.59
N ARG C 264 -2.69 -19.11 -3.66
CA ARG C 264 -1.47 -19.92 -3.61
C ARG C 264 -0.21 -19.13 -3.29
N ARG C 265 0.02 -18.00 -3.96
CA ARG C 265 1.23 -17.20 -3.65
C ARG C 265 1.27 -16.76 -2.18
N TYR C 266 0.11 -16.47 -1.63
CA TYR C 266 0.01 -16.04 -0.22
C TYR C 266 -0.08 -17.18 0.80
N LEU C 267 0.19 -18.40 0.32
CA LEU C 267 0.39 -19.53 1.23
C LEU C 267 1.70 -20.27 0.95
N GLN C 268 2.60 -19.60 0.23
CA GLN C 268 3.99 -20.02 0.14
C GLN C 268 4.56 -20.10 1.53
N GLY C 269 5.04 -21.28 1.88
CA GLY C 269 5.60 -21.55 3.22
C GLY C 269 4.58 -22.09 4.20
N TRP C 270 3.34 -22.28 3.72
CA TRP C 270 2.24 -22.75 4.55
C TRP C 270 1.62 -23.99 3.90
N GLU C 271 0.87 -24.75 4.68
CA GLU C 271 -0.03 -25.79 4.14
C GLU C 271 -1.34 -25.14 3.69
N ALA C 272 -1.64 -25.18 2.39
CA ALA C 272 -2.81 -24.45 1.88
C ALA C 272 -4.04 -25.34 1.96
N PRO C 273 -5.12 -24.87 2.63
CA PRO C 273 -6.34 -25.63 2.50
C PRO C 273 -6.86 -25.65 1.06
N PRO C 274 -7.57 -26.73 0.66
CA PRO C 274 -8.26 -26.71 -0.63
C PRO C 274 -9.19 -25.50 -0.69
N LEU C 275 -9.29 -24.91 -1.87
CA LEU C 275 -10.26 -23.89 -2.14
C LEU C 275 -11.26 -24.45 -3.13
N ARG C 276 -12.55 -24.37 -2.77
CA ARG C 276 -13.59 -25.06 -3.54
C ARG C 276 -14.69 -24.08 -3.88
N ARG C 277 -15.29 -24.25 -5.05
CA ARG C 277 -16.47 -23.50 -5.42
C ARG C 277 -17.68 -24.01 -4.62
N ALA C 278 -18.50 -23.08 -4.15
CA ALA C 278 -19.80 -23.34 -3.49
C ALA C 278 -20.73 -24.11 -4.44
N ARG C 279 -21.47 -25.06 -3.89
CA ARG C 279 -22.27 -25.97 -4.72
C ARG C 279 -23.74 -25.70 -4.68
N LEU C 280 -24.22 -25.07 -3.61
CA LEU C 280 -25.63 -25.06 -3.34
C LEU C 280 -26.36 -23.95 -4.02
N GLY C 281 -25.62 -23.05 -4.66
CA GLY C 281 -26.28 -21.90 -5.31
C GLY C 281 -27.29 -21.19 -4.42
N ALA C 282 -28.49 -20.92 -4.96
CA ALA C 282 -29.47 -19.99 -4.35
C ALA C 282 -30.21 -20.57 -3.18
N GLU C 283 -30.13 -21.88 -3.02
CA GLU C 283 -30.78 -22.55 -1.90
C GLU C 283 -29.93 -22.58 -0.64
N ALA C 284 -28.67 -22.19 -0.75
CA ALA C 284 -27.76 -22.21 0.40
C ALA C 284 -28.38 -21.54 1.62
N GLY C 285 -28.92 -20.34 1.44
CA GLY C 285 -29.50 -19.58 2.56
C GLY C 285 -30.66 -20.30 3.24
N LEU C 286 -31.56 -20.85 2.43
CA LEU C 286 -32.71 -21.55 2.98
C LEU C 286 -32.24 -22.81 3.67
N LEU C 287 -31.33 -23.54 3.03
CA LEU C 287 -30.82 -24.79 3.61
C LEU C 287 -30.09 -24.56 4.92
N GLY C 288 -29.30 -23.47 4.98
CA GLY C 288 -28.58 -23.13 6.23
C GLY C 288 -29.49 -22.60 7.34
N ALA C 289 -30.53 -21.85 6.99
CA ALA C 289 -31.58 -21.47 7.99
C ALA C 289 -32.20 -22.71 8.61
N ALA C 290 -32.57 -23.65 7.74
CA ALA C 290 -33.10 -24.95 8.17
C ALA C 290 -32.10 -25.73 9.02
N LEU C 291 -30.85 -25.85 8.58
CA LEU C 291 -29.81 -26.47 9.43
C LEU C 291 -29.59 -25.74 10.78
N THR C 292 -29.69 -24.42 10.77
CA THR C 292 -29.56 -23.69 12.01
C THR C 292 -30.60 -24.23 13.01
N ALA C 293 -31.87 -24.33 12.59
CA ALA C 293 -32.92 -24.86 13.49
C ALA C 293 -32.66 -26.30 13.86
N TYR C 294 -32.34 -27.11 12.86
CA TYR C 294 -32.14 -28.54 12.99
C TYR C 294 -31.02 -28.88 13.96
N LEU C 295 -29.89 -28.16 13.85
CA LEU C 295 -28.73 -28.41 14.70
C LEU C 295 -28.94 -27.90 16.13
N GLU C 296 -29.72 -26.84 16.28
CA GLU C 296 -29.99 -26.28 17.60
C GLU C 296 -30.86 -27.22 18.43
N VAL C 297 -31.89 -27.79 17.78
CA VAL C 297 -32.69 -28.84 18.37
C VAL C 297 -31.80 -29.96 18.90
N LYS C 298 -30.86 -30.41 18.06
CA LYS C 298 -29.92 -31.47 18.44
C LYS C 298 -28.64 -30.93 19.09
N MET D 1 -7.77 -31.69 42.16
CA MET D 1 -7.20 -32.18 40.88
C MET D 1 -6.03 -31.31 40.46
N LYS D 2 -4.85 -31.93 40.46
CA LYS D 2 -3.56 -31.27 40.24
C LYS D 2 -2.99 -31.71 38.92
N VAL D 3 -2.24 -30.81 38.27
CA VAL D 3 -1.46 -31.16 37.07
C VAL D 3 -0.09 -30.53 37.18
N VAL D 4 0.80 -30.90 36.28
CA VAL D 4 2.08 -30.21 36.22
C VAL D 4 2.19 -29.40 34.92
N GLY D 5 2.56 -28.14 35.05
CA GLY D 5 2.89 -27.31 33.91
C GLY D 5 4.38 -27.27 33.66
N LEU D 6 4.74 -27.34 32.37
CA LEU D 6 6.11 -27.23 31.89
C LEU D 6 6.23 -26.19 30.75
N ASP D 7 7.05 -25.16 30.96
CA ASP D 7 7.39 -24.19 29.91
C ASP D 7 8.85 -24.37 29.46
N LEU D 8 9.03 -24.89 28.25
CA LEU D 8 10.35 -25.07 27.67
C LEU D 8 10.77 -23.85 26.84
N GLY D 9 11.67 -23.04 27.39
CA GLY D 9 12.27 -21.91 26.68
C GLY D 9 13.71 -22.22 26.35
N GLY D 10 14.33 -21.39 25.50
CA GLY D 10 15.73 -21.61 25.08
C GLY D 10 16.78 -21.44 26.17
N THR D 11 16.56 -20.45 27.04
CA THR D 11 17.46 -20.19 28.16
C THR D 11 17.07 -21.01 29.40
N LYS D 12 15.79 -20.98 29.77
CA LYS D 12 15.33 -21.73 30.96
C LYS D 12 14.09 -22.61 30.80
N ILE D 13 13.91 -23.49 31.78
CA ILE D 13 12.79 -24.40 31.88
C ILE D 13 12.01 -24.08 33.15
N ALA D 14 10.70 -23.93 33.00
CA ALA D 14 9.87 -23.71 34.15
C ALA D 14 8.96 -24.91 34.37
N ALA D 15 8.73 -25.22 35.64
CA ALA D 15 7.84 -26.29 36.03
C ALA D 15 7.05 -25.83 37.23
N GLY D 16 5.90 -26.44 37.45
CA GLY D 16 5.04 -26.02 38.55
C GLY D 16 3.83 -26.91 38.63
N VAL D 17 3.37 -27.14 39.84
CA VAL D 17 2.15 -27.91 40.03
C VAL D 17 0.97 -26.95 40.08
N PHE D 18 -0.10 -27.30 39.37
CA PHE D 18 -1.22 -26.38 39.15
C PHE D 18 -2.51 -27.02 39.66
N ASP D 19 -3.22 -26.29 40.51
CA ASP D 19 -4.40 -26.84 41.13
C ASP D 19 -5.68 -26.39 40.43
N GLY D 20 -5.54 -25.57 39.38
CA GLY D 20 -6.70 -25.08 38.66
C GLY D 20 -6.95 -23.61 38.82
N LYS D 21 -6.34 -23.02 39.86
CA LYS D 21 -6.47 -21.59 40.15
C LYS D 21 -5.13 -20.94 40.36
N ARG D 22 -4.14 -21.76 40.74
CA ARG D 22 -2.92 -21.26 41.39
C ARG D 22 -1.77 -22.23 41.17
N LEU D 23 -0.55 -21.71 41.11
CA LEU D 23 0.64 -22.56 41.18
C LEU D 23 0.92 -22.97 42.64
N LEU D 24 1.00 -24.28 42.89
CA LEU D 24 1.37 -24.79 44.23
C LEU D 24 2.89 -24.88 44.41
N SER D 25 3.61 -24.79 43.28
CA SER D 25 5.07 -24.67 43.29
C SER D 25 5.54 -24.00 42.00
N LYS D 26 6.81 -23.61 41.98
CA LYS D 26 7.45 -23.06 40.80
C LYS D 26 8.94 -23.36 40.83
N VAL D 27 9.39 -24.07 39.81
CA VAL D 27 10.82 -24.38 39.58
C VAL D 27 11.30 -23.75 38.27
N VAL D 28 12.44 -23.06 38.31
CA VAL D 28 13.16 -22.65 37.12
C VAL D 28 14.58 -23.25 37.13
N VAL D 29 14.91 -23.98 36.07
CA VAL D 29 16.26 -24.50 35.85
C VAL D 29 16.74 -24.10 34.46
N PRO D 30 18.08 -24.14 34.21
CA PRO D 30 18.51 -23.83 32.84
C PRO D 30 18.06 -24.89 31.83
N THR D 31 17.97 -24.51 30.56
CA THR D 31 17.68 -25.47 29.49
C THR D 31 19.02 -26.05 29.03
N PRO D 32 19.17 -27.40 29.15
CA PRO D 32 20.37 -28.12 28.70
C PRO D 32 20.71 -27.88 27.23
N LYS D 33 22.01 -27.71 26.96
CA LYS D 33 22.50 -27.48 25.60
C LYS D 33 23.06 -28.77 24.97
N GLU D 34 22.89 -29.88 25.68
CA GLU D 34 23.52 -31.15 25.32
C GLU D 34 22.71 -31.95 24.29
N GLY D 35 21.52 -31.47 23.94
CA GLY D 35 20.65 -32.22 23.04
C GLY D 35 19.40 -32.83 23.63
N GLY D 36 18.46 -33.22 22.76
CA GLY D 36 17.13 -33.67 23.16
C GLY D 36 17.08 -34.59 24.37
N GLU D 37 17.93 -35.62 24.36
CA GLU D 37 18.01 -36.61 25.43
C GLU D 37 18.00 -35.95 26.79
N ARG D 38 18.91 -35.00 26.98
CA ARG D 38 19.09 -34.34 28.28
C ARG D 38 18.00 -33.32 28.58
N VAL D 39 17.50 -32.67 27.53
CA VAL D 39 16.35 -31.75 27.66
C VAL D 39 15.16 -32.51 28.26
N ALA D 40 14.70 -33.56 27.60
CA ALA D 40 13.67 -34.43 28.16
C ALA D 40 13.95 -34.82 29.62
N GLU D 41 15.22 -35.09 29.95
CA GLU D 41 15.61 -35.44 31.31
C GLU D 41 15.43 -34.29 32.27
N ALA D 42 15.85 -33.09 31.87
CA ALA D 42 15.74 -31.89 32.71
C ALA D 42 14.28 -31.52 32.92
N LEU D 43 13.46 -31.76 31.88
CA LEU D 43 12.03 -31.50 31.95
C LEU D 43 11.34 -32.40 32.96
N ALA D 44 11.65 -33.70 32.88
CA ALA D 44 11.09 -34.68 33.81
C ALA D 44 11.58 -34.41 35.24
N GLU D 45 12.84 -33.96 35.34
CA GLU D 45 13.44 -33.67 36.64
C GLU D 45 12.76 -32.48 37.32
N ALA D 46 12.56 -31.40 36.57
CA ALA D 46 11.87 -30.22 37.09
C ALA D 46 10.40 -30.52 37.42
N ALA D 47 9.79 -31.45 36.67
CA ALA D 47 8.45 -31.91 36.99
C ALA D 47 8.39 -32.50 38.40
N GLU D 48 9.25 -33.48 38.68
CA GLU D 48 9.28 -34.16 40.00
C GLU D 48 9.65 -33.18 41.12
N ARG D 49 10.70 -32.40 40.90
CA ARG D 49 11.10 -31.35 41.83
C ARG D 49 9.93 -30.47 42.25
N ALA D 50 9.10 -30.07 41.28
CA ALA D 50 7.96 -29.18 41.56
C ALA D 50 6.91 -29.94 42.34
N GLU D 51 6.76 -31.23 42.04
CA GLU D 51 5.81 -32.08 42.74
C GLU D 51 6.23 -32.29 44.19
N ARG D 52 7.53 -32.42 44.41
CA ARG D 52 8.10 -32.53 45.76
C ARG D 52 7.91 -31.20 46.48
N GLU D 53 8.39 -30.13 45.84
CA GLU D 53 8.37 -28.79 46.41
C GLU D 53 6.97 -28.32 46.81
N ALA D 54 5.96 -28.79 46.08
CA ALA D 54 4.56 -28.45 46.36
C ALA D 54 4.01 -29.45 47.35
N GLY D 55 4.60 -30.64 47.38
CA GLY D 55 4.12 -31.72 48.24
C GLY D 55 2.88 -32.42 47.71
N VAL D 56 2.74 -32.51 46.38
CA VAL D 56 1.65 -33.27 45.74
C VAL D 56 1.99 -33.60 44.28
N ARG D 57 1.38 -34.66 43.75
CA ARG D 57 1.63 -35.14 42.39
C ARG D 57 0.48 -34.76 41.41
N GLY D 58 0.81 -34.47 40.16
CA GLY D 58 -0.20 -34.13 39.15
C GLY D 58 -0.65 -35.35 38.37
N GLU D 59 -1.93 -35.38 37.97
CA GLU D 59 -2.40 -36.50 37.16
C GLU D 59 -2.17 -36.33 35.66
N ALA D 60 -1.56 -35.20 35.27
CA ALA D 60 -1.15 -34.97 33.88
C ALA D 60 -0.12 -33.85 33.78
N ILE D 61 0.59 -33.83 32.64
CA ILE D 61 1.60 -32.82 32.37
C ILE D 61 1.28 -31.97 31.12
N GLY D 62 1.42 -30.66 31.24
CA GLY D 62 1.28 -29.80 30.07
C GLY D 62 2.62 -29.20 29.68
N LEU D 63 2.97 -29.30 28.40
CA LEU D 63 4.27 -28.80 27.94
C LEU D 63 4.13 -27.77 26.83
N GLY D 64 4.64 -26.57 27.08
CA GLY D 64 4.54 -25.51 26.12
C GLY D 64 5.91 -25.21 25.54
N THR D 65 5.93 -24.90 24.25
CA THR D 65 7.17 -24.61 23.55
C THR D 65 6.99 -23.77 22.28
N PRO D 66 8.01 -22.96 21.89
CA PRO D 66 7.96 -22.15 20.67
C PRO D 66 8.22 -22.90 19.36
N GLY D 67 8.52 -24.19 19.43
CA GLY D 67 8.82 -24.88 18.16
C GLY D 67 7.70 -24.89 17.12
N PRO D 68 8.05 -25.11 15.83
CA PRO D 68 7.02 -25.73 14.97
C PRO D 68 6.77 -27.15 15.51
N LEU D 69 5.50 -27.50 15.68
CA LEU D 69 5.09 -28.71 16.39
C LEU D 69 4.22 -29.62 15.53
N ASP D 70 4.26 -30.92 15.79
CA ASP D 70 3.32 -31.85 15.22
C ASP D 70 2.47 -32.43 16.35
N PHE D 71 1.21 -32.01 16.40
CA PHE D 71 0.35 -32.33 17.52
C PHE D 71 -0.14 -33.78 17.59
N ARG D 72 -0.44 -34.37 16.43
CA ARG D 72 -0.81 -35.80 16.36
C ARG D 72 0.31 -36.73 16.86
N ARG D 73 1.55 -36.40 16.50
CA ARG D 73 2.70 -37.27 16.83
C ARG D 73 3.41 -36.88 18.13
N GLY D 74 3.17 -35.66 18.58
CA GLY D 74 3.75 -35.18 19.81
C GLY D 74 5.25 -34.95 19.66
N VAL D 75 5.62 -34.42 18.50
CA VAL D 75 7.01 -34.09 18.21
C VAL D 75 7.25 -32.59 18.04
N ILE D 76 8.33 -32.10 18.65
CA ILE D 76 8.85 -30.79 18.32
C ILE D 76 9.61 -30.94 17.00
N ARG D 77 8.98 -30.46 15.92
CA ARG D 77 9.54 -30.54 14.57
C ARG D 77 10.70 -29.57 14.45
N ASN D 81 15.46 -22.84 18.93
CA ASN D 81 16.65 -22.23 19.55
C ASN D 81 17.30 -23.09 20.66
N ILE D 82 17.11 -24.41 20.57
CA ILE D 82 17.72 -25.35 21.52
C ILE D 82 18.50 -26.39 20.70
N PRO D 83 19.75 -26.70 21.10
CA PRO D 83 20.59 -27.64 20.34
C PRO D 83 20.01 -29.07 20.21
N GLY D 84 19.47 -29.36 19.02
CA GLY D 84 19.11 -30.74 18.56
C GLY D 84 18.33 -31.79 19.45
N VAL D 85 17.06 -32.18 19.07
CA VAL D 85 15.76 -31.31 18.97
C VAL D 85 14.98 -31.39 17.68
N GLN D 86 15.67 -31.33 16.55
CA GLN D 86 15.04 -31.67 15.28
C GLN D 86 14.19 -32.91 15.54
N ASP D 87 12.90 -32.82 15.21
CA ASP D 87 11.94 -33.94 15.34
C ASP D 87 12.09 -34.86 16.57
N PHE D 88 12.03 -34.26 17.75
CA PHE D 88 12.16 -35.01 18.98
C PHE D 88 10.79 -35.41 19.48
N PRO D 89 10.60 -36.72 19.81
CA PRO D 89 9.33 -37.28 20.29
C PRO D 89 9.15 -37.06 21.81
N ILE D 90 9.12 -35.79 22.18
CA ILE D 90 9.07 -35.32 23.54
C ILE D 90 7.85 -35.88 24.31
N ARG D 91 6.71 -35.97 23.64
CA ARG D 91 5.50 -36.46 24.31
C ARG D 91 5.67 -37.92 24.79
N ARG D 92 5.99 -38.81 23.85
CA ARG D 92 6.24 -40.21 24.18
C ARG D 92 7.32 -40.31 25.23
N ILE D 93 8.45 -39.67 24.96
CA ILE D 93 9.59 -39.76 25.88
C ILE D 93 9.26 -39.31 27.29
N LEU D 94 8.57 -38.17 27.40
CA LEU D 94 8.08 -37.67 28.67
C LEU D 94 7.05 -38.59 29.33
N GLU D 95 6.23 -39.26 28.51
CA GLU D 95 5.23 -40.20 29.02
C GLU D 95 5.85 -41.48 29.60
N GLU D 96 6.75 -42.13 28.85
CA GLU D 96 7.54 -43.27 29.36
C GLU D 96 8.18 -42.89 30.67
N ALA D 97 8.90 -41.77 30.66
CA ALA D 97 9.76 -41.38 31.77
C ALA D 97 9.01 -40.86 33.00
N THR D 98 7.72 -40.56 32.84
CA THR D 98 7.03 -39.80 33.87
C THR D 98 5.87 -40.56 34.54
N GLY D 99 5.23 -41.45 33.79
CA GLY D 99 4.02 -42.13 34.25
C GLY D 99 2.73 -41.47 33.77
N ARG D 100 2.76 -40.15 33.62
CA ARG D 100 1.58 -39.34 33.35
C ARG D 100 1.37 -39.00 31.88
N PRO D 101 0.10 -38.77 31.47
CA PRO D 101 -0.16 -38.31 30.09
C PRO D 101 0.40 -36.90 29.85
N VAL D 102 0.92 -36.66 28.65
CA VAL D 102 1.56 -35.39 28.32
C VAL D 102 0.84 -34.64 27.18
N PHE D 103 0.49 -33.39 27.42
CA PHE D 103 -0.17 -32.58 26.38
C PHE D 103 0.71 -31.43 25.96
N LEU D 104 0.88 -31.31 24.66
CA LEU D 104 1.74 -30.33 24.03
C LEU D 104 0.95 -29.08 23.63
N GLU D 105 1.52 -27.90 23.90
CA GLU D 105 0.95 -26.67 23.36
C GLU D 105 2.02 -25.69 22.82
N ASN D 106 1.69 -24.98 21.75
CA ASN D 106 2.48 -23.81 21.29
C ASN D 106 2.53 -22.75 22.41
N ASP D 107 3.69 -22.14 22.65
CA ASP D 107 3.89 -21.19 23.74
C ASP D 107 2.95 -19.98 23.68
N ALA D 108 2.78 -19.43 22.48
CA ALA D 108 1.90 -18.31 22.26
C ALA D 108 0.46 -18.70 22.52
N ASN D 109 0.04 -19.86 22.05
CA ASN D 109 -1.30 -20.40 22.40
C ASN D 109 -1.51 -20.57 23.91
N ALA D 110 -0.46 -21.05 24.57
CA ALA D 110 -0.49 -21.28 26.00
C ALA D 110 -0.64 -19.97 26.73
N ALA D 111 0.14 -18.95 26.34
CA ALA D 111 0.04 -17.65 27.01
C ALA D 111 -1.37 -17.09 26.84
N ALA D 112 -1.97 -17.34 25.65
CA ALA D 112 -3.31 -16.86 25.36
C ALA D 112 -4.35 -17.49 26.32
N LEU D 113 -4.31 -18.80 26.40
CA LEU D 113 -5.10 -19.60 27.35
C LEU D 113 -5.00 -19.15 28.81
N ALA D 114 -3.78 -18.89 29.25
CA ALA D 114 -3.53 -18.41 30.59
C ALA D 114 -4.17 -17.03 30.83
N GLU D 115 -3.98 -16.09 29.90
CA GLU D 115 -4.61 -14.78 30.05
C GLU D 115 -6.12 -14.89 30.02
N HIS D 116 -6.62 -15.81 29.21
CA HIS D 116 -8.07 -16.08 29.15
C HIS D 116 -8.66 -16.54 30.50
N HIS D 117 -8.02 -17.54 31.12
CA HIS D 117 -8.50 -18.16 32.36
C HIS D 117 -8.05 -17.43 33.64
N LEU D 118 -6.85 -16.85 33.63
CA LEU D 118 -6.21 -16.33 34.86
C LEU D 118 -5.79 -14.88 34.74
N GLY D 119 -5.92 -14.30 33.54
CA GLY D 119 -5.29 -13.02 33.24
C GLY D 119 -6.28 -11.97 32.75
N ALA D 120 -5.79 -11.14 31.83
CA ALA D 120 -6.55 -10.00 31.36
C ALA D 120 -7.92 -10.35 30.79
N ALA D 121 -8.11 -11.55 30.27
CA ALA D 121 -9.43 -11.92 29.69
C ALA D 121 -10.30 -12.81 30.61
N GLN D 122 -9.96 -12.88 31.89
CA GLN D 122 -10.67 -13.77 32.82
C GLN D 122 -12.12 -13.34 32.85
N GLY D 123 -13.04 -14.29 32.73
CA GLY D 123 -14.46 -13.95 32.68
C GLY D 123 -15.06 -13.98 31.29
N GLU D 124 -14.22 -13.87 30.27
CA GLU D 124 -14.70 -13.96 28.89
C GLU D 124 -14.99 -15.38 28.44
N GLU D 125 -15.89 -15.57 27.49
CA GLU D 125 -15.93 -16.86 26.83
C GLU D 125 -15.00 -16.98 25.61
N SER D 126 -14.68 -15.85 24.96
CA SER D 126 -13.69 -15.87 23.90
C SER D 126 -12.74 -14.70 24.04
N SER D 127 -11.50 -14.91 23.63
CA SER D 127 -10.53 -13.83 23.53
C SER D 127 -9.51 -14.07 22.41
N LEU D 128 -8.81 -12.99 22.11
CA LEU D 128 -7.81 -12.95 21.08
C LEU D 128 -6.57 -12.46 21.79
N TYR D 129 -5.43 -13.14 21.60
CA TYR D 129 -4.17 -12.79 22.25
C TYR D 129 -3.06 -12.56 21.22
N LEU D 130 -2.29 -11.51 21.39
CA LEU D 130 -1.18 -11.27 20.51
C LEU D 130 0.00 -10.96 21.40
N THR D 131 1.16 -11.51 21.06
CA THR D 131 2.38 -11.24 21.81
C THR D 131 3.48 -10.70 20.89
N VAL D 132 4.02 -9.53 21.25
CA VAL D 132 4.99 -8.83 20.41
C VAL D 132 6.30 -8.85 21.14
N SER D 133 7.18 -9.68 20.61
CA SER D 133 8.46 -9.84 21.15
C SER D 133 9.40 -9.72 19.95
N THR D 134 10.31 -10.67 19.90
CA THR D 134 11.29 -10.84 18.86
C THR D 134 10.57 -11.12 17.52
N GLY D 135 9.60 -12.04 17.58
CA GLY D 135 8.57 -12.19 16.54
C GLY D 135 7.20 -11.77 17.07
N ILE D 136 6.17 -12.04 16.29
CA ILE D 136 4.82 -11.83 16.73
C ILE D 136 4.09 -13.15 16.67
N GLY D 137 3.60 -13.57 17.84
CA GLY D 137 2.77 -14.77 17.97
C GLY D 137 1.36 -14.37 18.42
N GLY D 138 0.47 -15.35 18.41
CA GLY D 138 -0.93 -15.10 18.80
C GLY D 138 -1.61 -16.35 19.31
N GLY D 139 -2.87 -16.24 19.70
CA GLY D 139 -3.67 -17.38 20.12
C GLY D 139 -5.11 -16.97 20.07
N VAL D 140 -5.98 -17.89 19.71
CA VAL D 140 -7.39 -17.64 19.67
C VAL D 140 -8.02 -18.61 20.69
N VAL D 141 -8.81 -18.08 21.62
CA VAL D 141 -9.46 -18.92 22.65
C VAL D 141 -10.97 -18.79 22.45
N LEU D 142 -11.62 -19.91 22.10
CA LEU D 142 -13.08 -19.93 21.92
C LEU D 142 -13.75 -21.07 22.74
N GLY D 143 -14.78 -20.84 23.54
CA GLY D 143 -14.48 -20.39 24.87
C GLY D 143 -14.09 -21.55 25.80
N GLY D 144 -13.23 -21.32 26.77
CA GLY D 144 -11.91 -20.93 26.58
C GLY D 144 -11.07 -22.17 26.33
N ARG D 145 -11.09 -22.62 25.08
CA ARG D 145 -10.10 -23.59 24.60
CA ARG D 145 -10.12 -23.61 24.60
C ARG D 145 -9.39 -23.03 23.39
N VAL D 146 -8.10 -23.35 23.26
CA VAL D 146 -7.27 -22.87 22.15
C VAL D 146 -7.82 -23.37 20.81
N LEU D 147 -7.90 -22.48 19.81
CA LEU D 147 -8.24 -22.91 18.46
C LEU D 147 -6.96 -23.46 17.82
N ARG D 148 -6.90 -24.79 17.66
CA ARG D 148 -5.73 -25.51 17.07
C ARG D 148 -5.57 -25.28 15.57
N GLY D 149 -6.68 -25.38 14.88
CA GLY D 149 -6.69 -25.45 13.43
C GLY D 149 -6.72 -26.91 13.03
N GLU D 150 -7.18 -27.16 11.82
CA GLU D 150 -7.19 -28.50 11.27
C GLU D 150 -5.77 -29.06 11.10
N ARG D 151 -4.80 -28.19 10.83
CA ARG D 151 -3.39 -28.57 10.62
C ARG D 151 -2.45 -28.05 11.73
N GLY D 152 -2.99 -27.51 12.82
CA GLY D 152 -2.17 -26.89 13.88
C GLY D 152 -1.58 -25.55 13.50
N GLN D 153 -2.08 -24.96 12.41
CA GLN D 153 -1.68 -23.63 11.99
C GLN D 153 -2.62 -22.54 12.57
N GLY D 154 -3.61 -22.93 13.39
CA GLY D 154 -4.62 -21.97 13.90
C GLY D 154 -3.97 -20.91 14.77
N GLY D 155 -4.46 -19.67 14.72
CA GLY D 155 -3.88 -18.64 15.62
C GLY D 155 -2.51 -18.09 15.27
N GLU D 156 -2.10 -18.22 14.01
CA GLU D 156 -0.83 -17.66 13.57
C GLU D 156 -1.04 -16.21 13.19
N LEU D 157 -1.39 -15.42 14.20
CA LEU D 157 -1.87 -14.04 14.05
C LEU D 157 -0.83 -13.04 13.54
N GLY D 158 0.45 -13.39 13.72
CA GLY D 158 1.55 -12.55 13.25
C GLY D 158 1.72 -12.64 11.72
N HIS D 159 0.97 -13.54 11.08
CA HIS D 159 1.12 -13.76 9.62
C HIS D 159 -0.06 -13.41 8.77
N LEU D 160 -0.98 -12.62 9.33
CA LEU D 160 -1.97 -12.00 8.45
C LEU D 160 -1.28 -10.93 7.62
N THR D 161 -1.67 -10.81 6.36
CA THR D 161 -1.08 -9.86 5.43
C THR D 161 -1.72 -8.50 5.69
N LEU D 162 -0.95 -7.50 6.14
CA LEU D 162 -1.51 -6.14 6.30
C LEU D 162 -1.06 -5.22 5.20
N LEU D 163 0.09 -5.52 4.59
CA LEU D 163 0.65 -4.65 3.56
C LEU D 163 1.17 -5.46 2.37
N PRO D 164 0.28 -5.76 1.39
CA PRO D 164 0.75 -6.35 0.15
C PRO D 164 1.86 -5.49 -0.44
N GLY D 165 2.95 -6.12 -0.84
CA GLY D 165 4.08 -5.38 -1.36
C GLY D 165 5.02 -4.86 -0.26
N GLY D 166 4.74 -5.23 0.98
CA GLY D 166 5.55 -4.82 2.11
C GLY D 166 6.81 -5.65 2.33
N PRO D 167 7.47 -5.48 3.50
CA PRO D 167 8.72 -6.19 3.68
C PRO D 167 8.58 -7.71 3.78
N ALA D 168 9.57 -8.41 3.23
CA ALA D 168 9.70 -9.89 3.29
C ALA D 168 9.66 -10.40 4.72
N CYS D 169 8.93 -11.49 4.90
CA CYS D 169 8.70 -12.08 6.20
C CYS D 169 9.48 -13.42 6.26
N GLY D 170 9.89 -13.82 7.47
CA GLY D 170 10.60 -15.09 7.61
C GLY D 170 9.73 -16.26 7.21
N CYS D 171 8.42 -16.08 7.18
CA CYS D 171 7.53 -17.18 6.83
C CYS D 171 7.52 -17.58 5.34
N GLY D 172 8.03 -16.71 4.44
CA GLY D 172 7.94 -16.93 2.98
C GLY D 172 7.00 -15.92 2.29
N LEU D 173 6.28 -15.12 3.08
CA LEU D 173 5.44 -14.04 2.51
C LEU D 173 6.07 -12.63 2.66
N GLU D 174 5.21 -11.60 2.66
CA GLU D 174 5.64 -10.22 2.77
C GLU D 174 4.50 -9.37 3.32
N GLY D 175 4.82 -8.36 4.10
CA GLY D 175 3.79 -7.45 4.65
C GLY D 175 2.94 -8.08 5.75
N CYS D 176 3.39 -9.22 6.30
CA CYS D 176 2.80 -9.83 7.49
C CYS D 176 2.96 -8.89 8.69
N LEU D 177 2.05 -8.99 9.64
CA LEU D 177 2.14 -8.18 10.86
C LEU D 177 3.52 -8.34 11.47
N GLU D 178 3.99 -9.59 11.51
CA GLU D 178 5.28 -9.85 12.11
C GLU D 178 6.39 -9.08 11.40
N ALA D 179 6.33 -9.09 10.07
CA ALA D 179 7.37 -8.45 9.22
C ALA D 179 7.33 -6.96 9.33
N LEU D 180 6.21 -6.40 9.81
CA LEU D 180 6.09 -4.96 9.94
C LEU D 180 6.42 -4.44 11.34
N ALA D 181 6.14 -5.24 12.39
CA ALA D 181 6.02 -4.68 13.74
C ALA D 181 6.71 -5.47 14.85
N ALA D 182 7.17 -6.69 14.56
CA ALA D 182 7.95 -7.46 15.57
C ALA D 182 9.25 -6.72 15.97
N GLY D 183 9.80 -7.06 17.12
CA GLY D 183 11.11 -6.56 17.56
C GLY D 183 12.22 -6.61 16.52
N ARG D 184 12.42 -7.75 15.89
CA ARG D 184 13.41 -7.91 14.88
C ARG D 184 13.11 -7.11 13.61
N ALA D 185 11.82 -6.92 13.28
CA ALA D 185 11.45 -6.01 12.18
C ALA D 185 11.78 -4.56 12.53
N LEU D 186 11.54 -4.16 13.78
CA LEU D 186 11.95 -2.83 14.25
C LEU D 186 13.47 -2.64 14.10
N GLU D 187 14.21 -3.65 14.55
CA GLU D 187 15.67 -3.62 14.45
C GLU D 187 16.15 -3.62 13.00
N ARG D 188 15.47 -4.38 12.15
CA ARG D 188 15.77 -4.40 10.72
C ARG D 188 15.66 -2.97 10.16
N ASP D 189 14.54 -2.29 10.41
CA ASP D 189 14.32 -0.98 9.76
C ASP D 189 15.18 0.08 10.41
N ALA D 190 15.35 -0.03 11.72
CA ALA D 190 16.17 0.98 12.42
C ALA D 190 17.61 0.89 11.96
N THR D 191 18.09 -0.35 11.79
CA THR D 191 19.45 -0.57 11.42
C THR D 191 19.65 -0.08 9.98
N TYR D 192 18.68 -0.37 9.12
CA TYR D 192 18.73 0.14 7.73
C TYR D 192 18.77 1.66 7.68
N ALA D 193 17.79 2.30 8.34
CA ALA D 193 17.57 3.74 8.23
C ALA D 193 18.65 4.57 8.91
N PHE D 194 19.14 4.07 10.07
CA PHE D 194 20.21 4.74 10.81
C PHE D 194 21.63 4.44 10.29
N GLN D 195 21.73 3.44 9.42
CA GLN D 195 22.97 2.98 8.79
C GLN D 195 24.02 2.55 9.79
N ARG D 196 23.56 1.95 10.89
CA ARG D 196 24.43 1.35 11.89
C ARG D 196 23.56 0.38 12.69
N PRO D 197 24.18 -0.58 13.39
CA PRO D 197 23.35 -1.53 14.15
C PRO D 197 22.52 -0.81 15.23
N VAL D 198 21.20 -0.95 15.16
CA VAL D 198 20.33 -0.41 16.18
C VAL D 198 19.42 -1.54 16.67
N ASP D 199 19.60 -1.95 17.94
CA ASP D 199 18.68 -2.91 18.56
C ASP D 199 17.49 -2.19 19.16
N THR D 200 16.52 -2.92 19.72
CA THR D 200 15.28 -2.25 20.20
C THR D 200 15.53 -1.30 21.38
N ARG D 201 16.50 -1.67 22.23
CA ARG D 201 16.90 -0.78 23.35
C ARG D 201 17.32 0.57 22.82
N GLU D 202 18.25 0.56 21.85
CA GLU D 202 18.75 1.80 21.23
C GLU D 202 17.65 2.56 20.47
N LEU D 203 16.79 1.83 19.77
CA LEU D 203 15.68 2.46 19.05
C LEU D 203 14.77 3.20 20.04
N PHE D 204 14.43 2.52 21.13
CA PHE D 204 13.55 3.13 22.11
C PHE D 204 14.24 4.32 22.80
N ARG D 205 15.54 4.20 23.06
CA ARG D 205 16.34 5.35 23.55
C ARG D 205 16.25 6.55 22.62
N LEU D 206 16.48 6.30 21.32
CA LEU D 206 16.30 7.37 20.34
C LEU D 206 14.89 7.92 20.33
N PHE D 207 13.90 7.03 20.39
CA PHE D 207 12.49 7.45 20.42
C PHE D 207 12.22 8.44 21.58
N GLN D 208 12.76 8.12 22.75
CA GLN D 208 12.50 8.93 23.95
C GLN D 208 13.25 10.25 23.87
N ALA D 209 14.44 10.26 23.28
CA ALA D 209 15.17 11.52 23.01
C ALA D 209 14.55 12.35 21.88
N GLY D 210 13.46 11.88 21.28
CA GLY D 210 12.72 12.68 20.30
C GLY D 210 13.34 12.66 18.93
N ASP D 211 14.11 11.62 18.63
CA ASP D 211 14.64 11.47 17.27
C ASP D 211 13.50 11.24 16.24
N PRO D 212 13.40 12.11 15.21
CA PRO D 212 12.28 12.05 14.26
C PRO D 212 12.19 10.73 13.50
N LYS D 213 13.33 10.18 13.08
CA LYS D 213 13.38 8.93 12.34
C LYS D 213 12.88 7.77 13.19
N ALA D 214 13.24 7.79 14.49
CA ALA D 214 12.86 6.75 15.45
C ALA D 214 11.39 6.83 15.75
N GLU D 215 10.91 8.07 15.97
CA GLU D 215 9.48 8.31 16.16
C GLU D 215 8.66 7.78 14.96
N ARG D 216 9.08 8.13 13.74
CA ARG D 216 8.35 7.75 12.55
C ARG D 216 8.16 6.24 12.49
N LEU D 217 9.24 5.53 12.77
CA LEU D 217 9.36 4.12 12.56
C LEU D 217 8.60 3.36 13.66
N VAL D 218 8.74 3.82 14.89
CA VAL D 218 8.11 3.13 16.00
C VAL D 218 6.59 3.34 15.94
N LEU D 219 6.13 4.56 15.65
CA LEU D 219 4.69 4.85 15.56
C LEU D 219 4.04 4.10 14.39
N GLN D 220 4.77 3.96 13.27
CA GLN D 220 4.29 3.13 12.17
C GLN D 220 4.02 1.69 12.61
N ALA D 221 4.98 1.09 13.31
CA ALA D 221 4.84 -0.29 13.78
C ALA D 221 3.67 -0.42 14.77
N ALA D 222 3.51 0.58 15.61
CA ALA D 222 2.40 0.65 16.56
C ALA D 222 1.06 0.66 15.86
N ARG D 223 0.91 1.48 14.83
CA ARG D 223 -0.38 1.55 14.14
C ARG D 223 -0.71 0.21 13.43
N TYR D 224 0.28 -0.43 12.81
CA TYR D 224 0.09 -1.74 12.14
C TYR D 224 -0.38 -2.77 13.15
N VAL D 225 0.15 -2.71 14.37
CA VAL D 225 -0.43 -3.64 15.40
C VAL D 225 -1.91 -3.37 15.68
N GLY D 226 -2.26 -2.10 15.87
CA GLY D 226 -3.65 -1.70 16.11
C GLY D 226 -4.52 -2.09 14.93
N ILE D 227 -4.04 -1.88 13.70
CA ILE D 227 -4.81 -2.29 12.53
C ILE D 227 -5.04 -3.82 12.46
N GLY D 228 -3.95 -4.59 12.64
CA GLY D 228 -4.06 -6.06 12.53
C GLY D 228 -5.03 -6.61 13.57
N LEU D 229 -5.03 -6.01 14.77
CA LEU D 229 -5.95 -6.44 15.84
C LEU D 229 -7.40 -6.07 15.50
N ALA D 230 -7.61 -4.84 15.04
CA ALA D 230 -8.96 -4.42 14.63
C ALA D 230 -9.45 -5.29 13.50
N SER D 231 -8.56 -5.68 12.59
CA SER D 231 -8.97 -6.50 11.48
C SER D 231 -9.41 -7.93 11.96
N LEU D 232 -8.58 -8.53 12.81
CA LEU D 232 -8.90 -9.82 13.43
C LEU D 232 -10.24 -9.83 14.21
N VAL D 233 -10.59 -8.70 14.83
CA VAL D 233 -11.92 -8.49 15.45
C VAL D 233 -13.08 -8.77 14.49
N LYS D 234 -12.93 -8.39 13.22
CA LYS D 234 -14.02 -8.60 12.26
C LYS D 234 -14.24 -10.10 12.07
N ALA D 235 -13.15 -10.85 12.08
CA ALA D 235 -13.20 -12.28 11.85
C ALA D 235 -13.76 -13.04 13.07
N PHE D 236 -13.29 -12.68 14.27
CA PHE D 236 -13.54 -13.45 15.49
C PHE D 236 -14.54 -12.88 16.46
N ASP D 237 -14.69 -11.56 16.47
CA ASP D 237 -15.55 -10.86 17.44
C ASP D 237 -15.31 -11.41 18.86
N PRO D 238 -14.05 -11.30 19.36
CA PRO D 238 -13.67 -11.84 20.67
C PRO D 238 -14.29 -10.96 21.74
N GLY D 239 -14.52 -11.54 22.91
CA GLY D 239 -14.99 -10.77 24.04
C GLY D 239 -14.01 -9.63 24.30
N VAL D 240 -12.73 -9.98 24.42
CA VAL D 240 -11.68 -8.95 24.53
C VAL D 240 -10.42 -9.34 23.72
N VAL D 241 -9.60 -8.34 23.41
CA VAL D 241 -8.32 -8.56 22.81
C VAL D 241 -7.24 -8.27 23.85
N VAL D 242 -6.26 -9.16 23.94
CA VAL D 242 -5.20 -9.04 24.91
C VAL D 242 -3.88 -8.94 24.19
N LEU D 243 -3.12 -7.91 24.55
CA LEU D 243 -1.79 -7.66 23.98
C LEU D 243 -0.73 -7.87 25.05
N GLY D 244 0.19 -8.79 24.76
CA GLY D 244 1.38 -9.07 25.60
C GLY D 244 2.71 -8.94 24.85
N GLY D 245 3.78 -9.44 25.47
CA GLY D 245 5.12 -9.37 24.88
C GLY D 245 5.89 -8.13 25.31
N GLY D 246 7.16 -8.31 25.66
CA GLY D 246 7.95 -7.19 26.19
C GLY D 246 8.19 -6.05 25.22
N VAL D 247 8.27 -6.37 23.92
CA VAL D 247 8.48 -5.33 22.90
C VAL D 247 7.27 -4.41 22.84
N ALA D 248 6.08 -4.93 23.08
CA ALA D 248 4.92 -4.07 23.07
C ALA D 248 4.71 -3.47 24.46
N LEU D 249 4.79 -4.30 25.51
CA LEU D 249 4.39 -3.79 26.84
C LEU D 249 5.43 -2.87 27.47
N ASN D 250 6.70 -3.06 27.10
CA ASN D 250 7.82 -2.23 27.56
C ASN D 250 8.23 -1.07 26.62
N ALA D 251 7.51 -0.84 25.52
CA ALA D 251 7.83 0.23 24.59
C ALA D 251 7.55 1.58 25.23
N PRO D 252 8.20 2.66 24.73
CA PRO D 252 8.01 4.00 25.26
C PRO D 252 6.56 4.44 25.30
N GLU D 253 6.24 5.30 26.26
CA GLU D 253 4.95 5.96 26.21
C GLU D 253 4.86 6.65 24.84
N GLY D 254 3.73 6.52 24.20
CA GLY D 254 3.66 7.00 22.83
C GLY D 254 3.32 5.82 21.94
N TYR D 255 3.94 4.69 22.20
CA TYR D 255 3.71 3.51 21.38
C TYR D 255 2.30 2.92 21.65
N TRP D 256 1.99 2.69 22.92
CA TRP D 256 0.72 2.11 23.30
C TRP D 256 -0.41 3.02 22.85
N GLU D 257 -0.20 4.33 22.96
CA GLU D 257 -1.22 5.30 22.62
C GLU D 257 -1.54 5.34 21.11
N ALA D 258 -0.50 5.28 20.29
CA ALA D 258 -0.62 5.21 18.81
C ALA D 258 -1.32 3.88 18.42
N LEU D 259 -0.94 2.80 19.08
CA LEU D 259 -1.49 1.47 18.76
C LEU D 259 -3.00 1.45 19.09
N LEU D 260 -3.35 1.92 20.27
CA LEU D 260 -4.76 2.01 20.66
C LEU D 260 -5.57 2.91 19.72
N GLU D 261 -5.03 4.07 19.37
CA GLU D 261 -5.71 4.96 18.42
C GLU D 261 -5.97 4.32 17.06
N ALA D 262 -4.97 3.62 16.50
CA ALA D 262 -5.15 2.88 15.24
C ALA D 262 -6.21 1.80 15.37
N TYR D 263 -6.18 1.08 16.48
CA TYR D 263 -7.20 0.07 16.75
C TYR D 263 -8.59 0.70 16.76
N ARG D 264 -8.76 1.79 17.49
CA ARG D 264 -10.02 2.52 17.53
C ARG D 264 -10.43 3.08 16.16
N ARG D 265 -9.46 3.66 15.45
CA ARG D 265 -9.77 4.17 14.11
C ARG D 265 -10.24 3.05 13.16
N TYR D 266 -9.67 1.85 13.31
CA TYR D 266 -10.06 0.72 12.45
C TYR D 266 -11.26 -0.09 12.97
N LEU D 267 -11.98 0.51 13.94
CA LEU D 267 -13.21 -0.07 14.44
C LEU D 267 -14.33 1.01 14.47
N GLN D 268 -14.10 2.12 13.76
CA GLN D 268 -15.17 3.13 13.47
C GLN D 268 -16.26 2.41 12.68
N GLY D 269 -17.47 2.54 13.16
CA GLY D 269 -18.64 1.82 12.63
C GLY D 269 -18.82 0.45 13.22
N TRP D 270 -17.98 0.07 14.18
CA TRP D 270 -18.06 -1.28 14.79
C TRP D 270 -18.13 -1.17 16.32
N GLU D 271 -18.50 -2.27 16.98
CA GLU D 271 -18.40 -2.34 18.43
C GLU D 271 -17.01 -2.83 18.77
N ALA D 272 -16.21 -1.99 19.40
CA ALA D 272 -14.83 -2.36 19.71
C ALA D 272 -14.69 -3.22 20.97
N PRO D 273 -14.23 -4.47 20.85
CA PRO D 273 -13.85 -5.17 22.09
C PRO D 273 -12.77 -4.36 22.83
N PRO D 274 -12.78 -4.41 24.18
CA PRO D 274 -11.65 -3.80 24.94
C PRO D 274 -10.31 -4.38 24.50
N LEU D 275 -9.29 -3.55 24.47
CA LEU D 275 -7.94 -3.98 24.18
C LEU D 275 -7.15 -3.85 25.49
N ARG D 276 -6.85 -5.00 26.10
CA ARG D 276 -6.29 -5.07 27.43
C ARG D 276 -4.81 -5.45 27.33
N ARG D 277 -4.03 -4.97 28.28
CA ARG D 277 -2.64 -5.33 28.41
C ARG D 277 -2.53 -6.67 29.14
N ALA D 278 -1.73 -7.61 28.61
CA ALA D 278 -1.57 -8.88 29.28
C ALA D 278 -1.13 -8.65 30.75
N ARG D 279 -1.61 -9.49 31.67
CA ARG D 279 -1.36 -9.30 33.12
C ARG D 279 -0.35 -10.25 33.71
N LEU D 280 -0.12 -11.38 33.04
CA LEU D 280 0.54 -12.51 33.67
C LEU D 280 2.06 -12.51 33.54
N GLY D 281 2.58 -11.58 32.76
CA GLY D 281 4.02 -11.48 32.61
C GLY D 281 4.73 -12.76 32.18
N ALA D 282 5.86 -13.04 32.84
CA ALA D 282 6.77 -14.12 32.46
C ALA D 282 6.24 -15.50 32.83
N GLU D 283 5.17 -15.55 33.62
CA GLU D 283 4.62 -16.82 34.04
C GLU D 283 3.53 -17.37 33.15
N ALA D 284 3.04 -16.55 32.20
CA ALA D 284 1.89 -16.94 31.36
C ALA D 284 2.12 -18.24 30.59
N GLY D 285 3.35 -18.48 30.11
CA GLY D 285 3.64 -19.68 29.31
C GLY D 285 3.50 -20.89 30.20
N LEU D 286 3.97 -20.78 31.44
CA LEU D 286 3.89 -21.85 32.42
C LEU D 286 2.44 -22.11 32.83
N LEU D 287 1.70 -21.05 33.17
CA LEU D 287 0.32 -21.21 33.53
C LEU D 287 -0.52 -21.83 32.41
N GLY D 288 -0.25 -21.45 31.16
CA GLY D 288 -1.00 -21.99 30.01
C GLY D 288 -0.71 -23.44 29.68
N ALA D 289 0.54 -23.84 29.89
CA ALA D 289 0.97 -25.25 29.78
C ALA D 289 0.23 -26.08 30.82
N ALA D 290 0.28 -25.62 32.06
CA ALA D 290 -0.57 -26.18 33.14
C ALA D 290 -2.04 -26.25 32.76
N LEU D 291 -2.63 -25.13 32.33
CA LEU D 291 -4.04 -25.12 31.96
C LEU D 291 -4.36 -26.03 30.81
N THR D 292 -3.40 -26.23 29.92
CA THR D 292 -3.63 -27.09 28.76
C THR D 292 -3.90 -28.52 29.25
N ALA D 293 -3.07 -28.97 30.20
CA ALA D 293 -3.24 -30.29 30.82
C ALA D 293 -4.51 -30.31 31.68
N TYR D 294 -4.69 -29.28 32.50
CA TYR D 294 -5.83 -29.17 33.40
C TYR D 294 -7.14 -29.36 32.67
N LEU D 295 -7.34 -28.61 31.59
CA LEU D 295 -8.59 -28.63 30.86
C LEU D 295 -8.75 -29.87 30.02
N GLU D 296 -7.65 -30.42 29.49
CA GLU D 296 -7.72 -31.69 28.77
C GLU D 296 -8.28 -32.78 29.68
N VAL D 297 -7.71 -32.88 30.88
CA VAL D 297 -8.12 -33.89 31.85
C VAL D 297 -9.60 -33.75 32.11
N LYS D 298 -10.02 -32.58 32.58
CA LYS D 298 -11.43 -32.37 32.95
C LYS D 298 -12.47 -32.36 31.80
N ASP D 299 -12.02 -32.70 30.59
CA ASP D 299 -12.95 -33.16 29.53
C ASP D 299 -12.31 -34.16 28.58
#